data_4ZPU
#
_entry.id   4ZPU
#
_cell.length_a   78.106
_cell.length_b   94.131
_cell.length_c   97.430
_cell.angle_alpha   90.00
_cell.angle_beta   90.00
_cell.angle_gamma   90.00
#
_symmetry.space_group_name_H-M   'P 21 21 21'
#
loop_
_entity.id
_entity.type
_entity.pdbx_description
1 polymer 'Lysozyme RrrD'
2 non-polymer 'ACETATE ION'
3 non-polymer 'FORMIC ACID'
4 water water
#
_entity_poly.entity_id   1
_entity_poly.type   'polypeptide(L)'
_entity_poly.pdbx_seq_one_letter_code
;MPPSLRKAVAAAIGGGAIAIASVLITGPSGNDGLEGVSYIPYKDIVGVWTVCHGHTGKDIMLGKTYTKAECKALLNKDLA
TVARQINPYIKVDIPETTRGALYSFVYNVGAGNFRTSTLLRKINQGDIKGACDQLRRWTYAGGKQWKGLMTRREIEREVC
LWGQQGGHHHHHHGG
;
_entity_poly.pdbx_strand_id   A,B,C,D
#
# COMPACT_ATOMS: atom_id res chain seq x y z
N MET A 1 10.00 26.56 -0.13
CA MET A 1 11.40 26.24 -0.56
C MET A 1 11.64 26.76 -1.96
N PRO A 2 12.91 27.01 -2.35
CA PRO A 2 13.09 27.39 -3.76
C PRO A 2 12.40 26.44 -4.75
N PRO A 3 11.90 26.96 -5.88
CA PRO A 3 11.15 26.12 -6.83
C PRO A 3 11.96 24.97 -7.48
N SER A 4 13.25 25.21 -7.78
CA SER A 4 14.16 24.16 -8.26
C SER A 4 14.32 23.03 -7.23
N LEU A 5 14.48 23.41 -5.95
CA LEU A 5 14.58 22.43 -4.87
C LEU A 5 13.28 21.68 -4.72
N ARG A 6 12.19 22.39 -4.89
CA ARG A 6 10.87 21.78 -4.80
C ARG A 6 10.69 20.76 -5.89
N LYS A 7 10.99 21.14 -7.13
CA LYS A 7 10.92 20.22 -8.27
C LYS A 7 11.85 19.01 -8.06
N ALA A 8 13.08 19.29 -7.59
CA ALA A 8 14.05 18.25 -7.23
C ALA A 8 13.48 17.20 -6.25
N VAL A 9 12.77 17.67 -5.22
CA VAL A 9 12.21 16.77 -4.19
C VAL A 9 11.05 15.99 -4.78
N ALA A 10 10.34 16.62 -5.70
CA ALA A 10 9.20 16.04 -6.42
C ALA A 10 9.64 14.83 -7.24
N ALA A 11 10.72 14.98 -8.00
CA ALA A 11 11.21 13.87 -8.84
C ALA A 11 11.85 12.73 -8.01
N ALA A 12 12.34 13.04 -6.81
CA ALA A 12 12.96 12.08 -5.91
C ALA A 12 11.99 11.22 -5.22
N ILE A 13 10.72 11.57 -5.29
CA ILE A 13 9.70 10.90 -4.48
C ILE A 13 9.63 9.40 -4.81
N GLY A 14 9.57 9.08 -6.11
CA GLY A 14 9.63 7.68 -6.57
C GLY A 14 10.83 6.89 -6.04
N GLY A 15 11.94 7.58 -5.78
CA GLY A 15 13.13 6.97 -5.22
C GLY A 15 13.12 6.80 -3.71
N GLY A 16 12.03 7.19 -3.06
CA GLY A 16 11.92 6.99 -1.61
C GLY A 16 12.76 7.88 -0.70
N ALA A 17 12.69 7.61 0.62
CA ALA A 17 13.20 8.51 1.65
C ALA A 17 14.66 8.87 1.45
N ILE A 18 15.46 7.88 1.10
CA ILE A 18 16.88 8.06 0.91
C ILE A 18 17.10 9.11 -0.14
N ALA A 19 16.52 8.94 -1.32
CA ALA A 19 16.68 9.92 -2.40
C ALA A 19 16.22 11.36 -2.04
N ILE A 20 15.08 11.44 -1.35
CA ILE A 20 14.50 12.69 -0.87
C ILE A 20 15.51 13.44 -0.02
N ALA A 21 16.08 12.73 0.96
CA ALA A 21 17.10 13.26 1.83
C ALA A 21 18.31 13.70 1.04
N SER A 22 18.70 12.89 0.07
CA SER A 22 19.86 13.20 -0.71
C SER A 22 19.67 14.52 -1.47
N VAL A 23 18.46 14.78 -1.96
CA VAL A 23 18.14 16.07 -2.57
C VAL A 23 18.21 17.20 -1.52
N LEU A 24 17.64 16.99 -0.35
CA LEU A 24 17.76 18.01 0.68
C LEU A 24 19.18 18.43 1.02
N ILE A 25 20.07 17.43 1.12
CA ILE A 25 21.46 17.63 1.49
C ILE A 25 22.30 18.19 0.35
N THR A 26 22.20 17.62 -0.83
CA THR A 26 23.06 18.02 -1.93
C THR A 26 22.42 19.11 -2.78
N GLY A 27 21.09 19.22 -2.71
CA GLY A 27 20.35 20.17 -3.56
C GLY A 27 20.33 19.70 -5.01
N PRO A 28 19.50 20.35 -5.88
CA PRO A 28 19.24 19.89 -7.26
C PRO A 28 20.51 19.66 -8.03
N SER A 29 21.42 20.62 -7.97
CA SER A 29 22.65 20.56 -8.75
C SER A 29 23.65 19.58 -8.20
N GLY A 30 23.33 18.96 -7.07
CA GLY A 30 24.29 18.17 -6.29
C GLY A 30 25.38 18.95 -5.59
N ASN A 31 25.23 20.27 -5.43
CA ASN A 31 26.18 21.11 -4.70
C ASN A 31 25.58 22.37 -4.10
N ASP A 32 24.25 22.42 -3.98
CA ASP A 32 23.54 23.61 -3.47
C ASP A 32 22.42 23.23 -2.49
N GLY A 33 22.76 22.37 -1.54
CA GLY A 33 21.76 21.84 -0.60
C GLY A 33 21.96 22.42 0.77
N LEU A 34 21.21 21.90 1.71
CA LEU A 34 21.20 22.36 3.07
C LEU A 34 22.54 22.16 3.74
N GLU A 35 23.33 21.19 3.24
CA GLU A 35 24.71 20.98 3.67
C GLU A 35 25.71 21.62 2.72
N GLY A 36 26.84 22.05 3.29
CA GLY A 36 28.00 22.49 2.56
C GLY A 36 28.62 21.29 1.89
N VAL A 37 29.58 21.54 1.00
CA VAL A 37 30.41 20.48 0.46
C VAL A 37 31.85 20.98 0.44
N SER A 38 32.80 20.06 0.52
CA SER A 38 34.20 20.45 0.50
C SER A 38 35.04 19.32 -0.04
N TYR A 39 35.80 19.58 -1.10
CA TYR A 39 36.52 18.54 -1.79
C TYR A 39 37.82 18.17 -1.11
N ILE A 40 38.28 19.06 -0.24
CA ILE A 40 39.50 18.89 0.56
C ILE A 40 39.14 18.85 2.04
N PRO A 41 39.71 17.89 2.83
CA PRO A 41 39.34 17.79 4.28
C PRO A 41 39.65 19.03 5.12
N TYR A 42 38.81 19.29 6.13
CA TYR A 42 39.03 20.42 7.03
C TYR A 42 38.49 20.10 8.41
N LYS A 43 39.11 20.66 9.44
CA LYS A 43 38.55 20.58 10.81
C LYS A 43 37.38 21.53 10.94
N ASP A 44 36.26 21.05 11.48
CA ASP A 44 35.08 21.92 11.72
C ASP A 44 35.26 22.79 13.02
N ILE A 45 34.15 23.37 13.51
CA ILE A 45 34.20 24.30 14.66
C ILE A 45 34.46 23.55 15.98
N VAL A 46 33.97 22.30 16.05
CA VAL A 46 34.32 21.35 17.12
C VAL A 46 35.60 20.52 16.89
N GLY A 47 36.38 20.87 15.87
CA GLY A 47 37.70 20.26 15.64
C GLY A 47 37.64 18.82 15.16
N VAL A 48 36.50 18.42 14.62
CA VAL A 48 36.33 17.13 14.00
C VAL A 48 36.63 17.33 12.50
N TRP A 49 37.39 16.39 11.94
CA TRP A 49 37.79 16.39 10.51
C TRP A 49 36.60 16.00 9.67
N THR A 50 36.42 16.69 8.55
CA THR A 50 35.22 16.55 7.75
C THR A 50 35.50 16.90 6.28
N VAL A 51 34.75 16.25 5.39
CA VAL A 51 34.98 16.40 3.94
C VAL A 51 33.70 16.03 3.23
N CYS A 52 33.59 16.46 1.98
CA CYS A 52 32.45 16.14 1.12
C CYS A 52 31.20 16.80 1.69
N HIS A 53 30.09 16.07 1.73
CA HIS A 53 28.82 16.62 2.21
C HIS A 53 28.66 16.46 3.69
N GLY A 54 29.72 16.75 4.43
CA GLY A 54 29.64 16.81 5.89
C GLY A 54 30.04 15.49 6.49
N HIS A 55 30.78 14.71 5.71
CA HIS A 55 31.17 13.38 6.12
C HIS A 55 32.31 13.38 7.13
N THR A 56 32.12 12.69 8.23
CA THR A 56 33.17 12.51 9.25
C THR A 56 33.35 11.01 9.47
N GLY A 57 34.49 10.66 10.03
CA GLY A 57 34.83 9.28 10.23
C GLY A 57 36.34 9.07 10.32
N LYS A 58 36.71 7.81 10.51
CA LYS A 58 38.12 7.43 10.62
C LYS A 58 38.75 7.16 9.24
N ASP A 59 37.94 7.25 8.21
CA ASP A 59 38.37 7.00 6.83
C ASP A 59 38.75 8.23 6.01
N ILE A 60 38.94 9.38 6.62
CA ILE A 60 39.28 10.59 5.85
C ILE A 60 40.81 10.66 5.59
N MET A 61 41.22 10.64 4.33
CA MET A 61 42.63 10.87 3.89
C MET A 61 42.88 12.35 3.81
N LEU A 62 43.64 12.89 4.76
CA LEU A 62 43.83 14.34 4.88
C LEU A 62 44.51 14.99 3.66
N GLY A 63 45.36 14.23 2.97
CA GLY A 63 46.02 14.77 1.78
C GLY A 63 45.31 14.64 0.43
N LYS A 64 44.07 14.14 0.45
CA LYS A 64 43.41 13.74 -0.78
C LYS A 64 42.50 14.84 -1.23
N THR A 65 42.43 15.07 -2.53
CA THR A 65 41.31 15.83 -3.10
C THR A 65 40.25 14.85 -3.63
N TYR A 66 39.10 14.85 -2.95
CA TYR A 66 37.94 14.03 -3.29
C TYR A 66 37.20 14.50 -4.56
N THR A 67 36.67 13.57 -5.36
CA THR A 67 35.83 13.92 -6.55
C THR A 67 34.35 14.13 -6.14
N LYS A 68 33.55 14.72 -7.02
CA LYS A 68 32.09 14.69 -6.84
C LYS A 68 31.49 13.27 -6.60
N ALA A 69 31.96 12.26 -7.36
CA ALA A 69 31.50 10.89 -7.25
C ALA A 69 31.85 10.23 -5.91
N GLU A 70 33.05 10.49 -5.41
CA GLU A 70 33.42 10.00 -4.09
C GLU A 70 32.56 10.56 -2.99
N CYS A 71 32.25 11.85 -3.12
CA CYS A 71 31.44 12.58 -2.16
C CYS A 71 30.02 12.00 -2.12
N LYS A 72 29.51 11.69 -3.30
CA LYS A 72 28.17 11.13 -3.40
C LYS A 72 28.13 9.71 -2.86
N ALA A 73 29.17 8.90 -3.13
CA ALA A 73 29.27 7.54 -2.56
C ALA A 73 29.23 7.50 -1.01
N LEU A 74 30.01 8.41 -0.42
CA LEU A 74 30.12 8.55 1.01
C LEU A 74 28.83 9.05 1.68
N LEU A 75 28.10 9.94 1.01
CA LEU A 75 26.80 10.38 1.51
C LEU A 75 25.86 9.18 1.59
N ASN A 76 25.85 8.39 0.51
CA ASN A 76 24.99 7.22 0.40
C ASN A 76 25.14 6.28 1.57
N LYS A 77 26.38 5.94 1.86
CA LYS A 77 26.75 5.13 3.00
C LYS A 77 26.28 5.77 4.31
N ASP A 78 26.52 7.08 4.50
CA ASP A 78 26.16 7.76 5.75
C ASP A 78 24.66 7.83 5.93
N LEU A 79 23.92 8.08 4.86
CA LEU A 79 22.46 8.09 4.93
C LEU A 79 21.90 6.73 5.30
N ALA A 80 22.30 5.69 4.57
CA ALA A 80 22.03 4.29 5.01
C ALA A 80 22.25 4.09 6.52
N THR A 81 23.26 4.72 7.09
CA THR A 81 23.60 4.58 8.50
C THR A 81 22.57 5.28 9.37
N VAL A 82 22.29 6.53 9.02
CA VAL A 82 21.22 7.30 9.67
C VAL A 82 19.92 6.48 9.69
N ALA A 83 19.46 6.06 8.49
CA ALA A 83 18.35 5.14 8.40
C ALA A 83 18.47 4.00 9.44
N ARG A 84 19.62 3.32 9.49
CA ARG A 84 19.84 2.17 10.41
C ARG A 84 19.67 2.59 11.84
N GLN A 85 20.05 3.83 12.14
CA GLN A 85 20.09 4.31 13.51
C GLN A 85 18.75 4.74 14.04
N ILE A 86 17.83 5.10 13.15
CA ILE A 86 16.59 5.79 13.56
C ILE A 86 15.30 5.05 13.20
N ASN A 87 15.30 4.36 12.05
CA ASN A 87 14.13 3.61 11.57
C ASN A 87 13.60 2.59 12.58
N PRO A 88 14.51 1.91 13.33
CA PRO A 88 14.05 1.04 14.43
C PRO A 88 13.14 1.79 15.41
N TYR A 89 13.39 3.07 15.62
CA TYR A 89 12.74 3.85 16.66
C TYR A 89 11.45 4.47 16.18
N ILE A 90 11.22 4.47 14.87
CA ILE A 90 9.95 4.97 14.34
C ILE A 90 8.95 3.82 14.26
N LYS A 91 8.05 3.81 15.24
CA LYS A 91 7.12 2.69 15.44
C LYS A 91 5.87 2.79 14.55
N VAL A 92 5.80 3.79 13.68
CA VAL A 92 4.63 4.00 12.78
C VAL A 92 4.98 4.26 11.31
N ASP A 93 4.05 3.88 10.42
CA ASP A 93 4.18 4.15 8.98
C ASP A 93 4.09 5.65 8.77
N ILE A 94 5.13 6.20 8.15
CA ILE A 94 5.12 7.62 7.75
C ILE A 94 5.39 7.73 6.27
N PRO A 95 4.96 8.84 5.64
CA PRO A 95 5.26 8.92 4.19
C PRO A 95 6.75 9.12 3.90
N GLU A 96 7.14 8.88 2.64
CA GLU A 96 8.56 8.90 2.26
C GLU A 96 9.20 10.28 2.42
N THR A 97 8.40 11.32 2.17
CA THR A 97 8.77 12.72 2.33
C THR A 97 9.11 13.00 3.80
N THR A 98 8.20 12.64 4.69
CA THR A 98 8.43 12.74 6.11
C THR A 98 9.67 11.97 6.56
N ARG A 99 9.83 10.75 6.03
CA ARG A 99 10.99 9.97 6.42
C ARG A 99 12.29 10.62 5.97
N GLY A 100 12.30 11.07 4.70
CA GLY A 100 13.44 11.74 4.05
C GLY A 100 13.85 13.02 4.77
N ALA A 101 12.85 13.74 5.27
CA ALA A 101 13.09 14.97 5.97
C ALA A 101 13.61 14.69 7.37
N LEU A 102 13.22 13.58 7.97
CA LEU A 102 13.80 13.26 9.25
C LEU A 102 15.23 12.76 9.12
N TYR A 103 15.56 12.14 7.98
CA TYR A 103 16.95 11.71 7.69
C TYR A 103 17.90 12.92 7.66
N SER A 104 17.56 13.86 6.78
CA SER A 104 18.19 15.17 6.68
C SER A 104 18.31 15.90 7.99
N PHE A 105 17.24 15.91 8.79
CA PHE A 105 17.28 16.42 10.19
C PHE A 105 18.31 15.74 11.08
N VAL A 106 18.34 14.41 11.02
CA VAL A 106 19.15 13.61 11.93
C VAL A 106 20.60 13.64 11.51
N TYR A 107 20.78 13.88 10.20
CA TYR A 107 22.11 13.98 9.61
C TYR A 107 22.77 15.16 10.26
N ASN A 108 22.00 16.25 10.38
CA ASN A 108 22.46 17.48 10.99
C ASN A 108 22.63 17.37 12.52
N VAL A 109 21.64 16.78 13.18
CA VAL A 109 21.42 16.95 14.60
C VAL A 109 21.88 15.74 15.41
N GLY A 110 22.00 14.57 14.77
CA GLY A 110 22.56 13.39 15.45
C GLY A 110 21.49 12.50 16.00
N ALA A 111 21.78 11.18 16.03
CA ALA A 111 20.83 10.12 16.44
C ALA A 111 20.37 10.19 17.91
N GLY A 112 21.29 10.45 18.84
CA GLY A 112 20.93 10.60 20.25
C GLY A 112 19.78 11.60 20.39
N ASN A 113 20.10 12.88 20.16
CA ASN A 113 19.15 13.97 20.09
C ASN A 113 17.76 13.60 19.61
N PHE A 114 17.72 12.86 18.52
CA PHE A 114 16.46 12.42 17.94
C PHE A 114 15.74 11.42 18.83
N ARG A 115 16.46 10.39 19.29
CA ARG A 115 15.90 9.33 20.14
C ARG A 115 15.14 9.86 21.37
N THR A 116 15.67 10.92 21.99
CA THR A 116 15.07 11.54 23.19
C THR A 116 14.21 12.80 22.91
N SER A 117 14.10 13.17 21.64
CA SER A 117 13.35 14.34 21.26
C SER A 117 11.84 14.13 21.47
N THR A 118 11.15 15.25 21.54
CA THR A 118 9.70 15.29 21.65
C THR A 118 9.09 14.93 20.28
N LEU A 119 9.71 15.47 19.24
CA LEU A 119 9.46 15.12 17.86
C LEU A 119 9.23 13.62 17.67
N LEU A 120 10.10 12.79 18.21
CA LEU A 120 9.90 11.36 18.03
C LEU A 120 8.59 10.90 18.71
N ARG A 121 8.38 11.33 19.96
CA ARG A 121 7.21 10.90 20.72
C ARG A 121 5.91 11.27 19.99
N LYS A 122 5.82 12.49 19.49
CA LYS A 122 4.73 12.91 18.58
C LYS A 122 4.59 12.07 17.29
N ILE A 123 5.71 11.64 16.71
CA ILE A 123 5.69 10.64 15.62
C ILE A 123 5.04 9.31 16.11
N ASN A 124 5.49 8.80 17.25
CA ASN A 124 5.05 7.51 17.71
C ASN A 124 3.62 7.43 18.24
N GLN A 125 3.02 8.61 18.36
CA GLN A 125 1.65 8.75 18.83
C GLN A 125 0.76 9.03 17.67
N GLY A 126 1.36 9.27 16.52
CA GLY A 126 0.62 9.43 15.27
C GLY A 126 0.41 10.89 14.92
N ASP A 127 1.06 11.77 15.68
CA ASP A 127 0.92 13.20 15.50
C ASP A 127 2.03 13.68 14.54
N ILE A 128 1.77 13.49 13.25
CA ILE A 128 2.73 13.78 12.17
C ILE A 128 2.88 15.28 12.02
N LYS A 129 1.76 15.98 11.83
CA LYS A 129 1.74 17.45 11.78
C LYS A 129 2.45 18.05 13.00
N GLY A 130 2.15 17.55 14.20
CA GLY A 130 2.83 17.99 15.41
C GLY A 130 4.31 17.60 15.48
N ALA A 131 4.69 16.49 14.86
CA ALA A 131 6.09 16.15 14.82
C ALA A 131 6.85 17.10 13.91
N CYS A 132 6.37 17.28 12.68
CA CYS A 132 6.97 18.25 11.76
C CYS A 132 7.15 19.67 12.34
N ASP A 133 6.34 20.04 13.34
CA ASP A 133 6.36 21.40 13.90
C ASP A 133 7.46 21.52 14.91
N GLN A 134 7.78 20.41 15.54
CA GLN A 134 8.87 20.34 16.51
C GLN A 134 10.21 20.76 15.89
N LEU A 135 10.32 20.64 14.56
CA LEU A 135 11.55 20.99 13.85
C LEU A 135 11.99 22.42 14.16
N ARG A 136 11.03 23.34 14.14
CA ARG A 136 11.29 24.78 14.38
C ARG A 136 12.00 25.04 15.72
N ARG A 137 11.82 24.13 16.67
CA ARG A 137 12.47 24.21 17.98
C ARG A 137 13.98 23.84 17.96
N TRP A 138 14.49 23.47 16.78
CA TRP A 138 15.85 22.97 16.65
C TRP A 138 16.75 23.91 15.84
N THR A 139 16.79 25.17 16.28
CA THR A 139 17.54 26.23 15.62
C THR A 139 18.60 26.86 16.54
N TYR A 140 18.73 26.29 17.74
CA TYR A 140 19.58 26.90 18.74
C TYR A 140 20.92 26.18 18.96
N ALA A 141 22.00 26.92 18.87
CA ALA A 141 23.34 26.37 19.10
C ALA A 141 24.29 27.42 19.70
N GLY A 142 24.86 27.15 20.87
CA GLY A 142 25.67 28.14 21.61
C GLY A 142 24.80 29.26 22.17
N GLY A 143 23.59 28.91 22.60
CA GLY A 143 22.63 29.88 23.15
C GLY A 143 22.27 31.06 22.24
N LYS A 144 22.64 30.91 20.96
CA LYS A 144 22.23 31.81 19.89
C LYS A 144 21.31 31.03 18.95
N GLN A 145 20.29 31.70 18.45
CA GLN A 145 19.44 31.16 17.38
C GLN A 145 20.11 31.51 16.06
N TRP A 146 20.17 30.54 15.14
CA TRP A 146 20.89 30.71 13.86
C TRP A 146 19.99 30.79 12.66
N LYS A 147 20.17 31.85 11.88
CA LYS A 147 19.35 32.12 10.71
C LYS A 147 19.38 30.94 9.75
N GLY A 148 20.58 30.34 9.61
CA GLY A 148 20.85 29.15 8.79
C GLY A 148 20.09 27.92 9.21
N LEU A 149 19.91 27.73 10.52
CA LEU A 149 19.13 26.62 11.02
C LEU A 149 17.65 26.86 10.83
N MET A 150 17.20 28.07 11.09
CA MET A 150 15.79 28.39 10.97
C MET A 150 15.33 28.17 9.54
N THR A 151 16.20 28.48 8.58
CA THR A 151 15.88 28.26 7.17
C THR A 151 15.83 26.75 6.87
N ARG A 152 16.88 26.02 7.29
CA ARG A 152 16.93 24.58 7.15
C ARG A 152 15.69 23.91 7.77
N ARG A 153 15.33 24.34 8.97
CA ARG A 153 14.19 23.78 9.64
C ARG A 153 12.89 24.04 8.90
N GLU A 154 12.73 25.25 8.35
CA GLU A 154 11.58 25.54 7.48
C GLU A 154 11.45 24.64 6.24
N ILE A 155 12.59 24.40 5.58
CA ILE A 155 12.60 23.57 4.38
C ILE A 155 12.34 22.08 4.68
N GLU A 156 12.93 21.57 5.76
CA GLU A 156 12.68 20.21 6.27
C GLU A 156 11.24 20.04 6.70
N ARG A 157 10.67 21.11 7.26
CA ARG A 157 9.26 21.15 7.65
C ARG A 157 8.31 21.03 6.46
N GLU A 158 8.45 21.91 5.46
CA GLU A 158 7.70 21.75 4.21
C GLU A 158 7.68 20.31 3.69
N VAL A 159 8.84 19.65 3.62
CA VAL A 159 8.95 18.30 3.06
C VAL A 159 8.33 17.24 3.99
N CYS A 160 8.68 17.32 5.27
CA CYS A 160 8.01 16.57 6.30
C CYS A 160 6.46 16.60 6.14
N LEU A 161 5.88 17.78 6.00
CA LEU A 161 4.43 17.95 5.76
C LEU A 161 4.04 17.92 4.30
N TRP A 162 4.87 17.36 3.42
CA TRP A 162 4.60 17.46 1.97
C TRP A 162 3.24 16.85 1.59
N GLY A 163 2.97 15.63 2.07
CA GLY A 163 1.71 14.92 1.77
C GLY A 163 0.44 15.64 2.20
N GLN A 164 0.46 16.24 3.38
CA GLN A 164 -0.70 16.95 3.96
C GLN A 164 -1.14 18.10 3.04
N GLN A 165 -0.24 19.07 2.81
CA GLN A 165 -0.40 20.13 1.78
C GLN A 165 0.94 20.71 1.31
N MET B 1 10.14 -11.94 -23.82
CA MET B 1 10.37 -12.93 -22.73
C MET B 1 9.52 -14.22 -22.88
N PRO B 2 9.54 -15.13 -21.86
CA PRO B 2 8.53 -16.20 -21.85
C PRO B 2 7.19 -15.70 -21.34
N PRO B 3 6.08 -16.06 -22.03
CA PRO B 3 4.72 -15.65 -21.60
C PRO B 3 4.43 -16.03 -20.15
N SER B 4 4.97 -17.16 -19.69
CA SER B 4 4.91 -17.55 -18.28
C SER B 4 5.37 -16.43 -17.31
N LEU B 5 6.32 -15.61 -17.79
CA LEU B 5 6.96 -14.55 -16.99
C LEU B 5 6.40 -13.17 -17.32
N ARG B 6 6.23 -12.85 -18.61
CA ARG B 6 5.60 -11.58 -19.04
C ARG B 6 4.31 -11.31 -18.28
N LYS B 7 3.54 -12.37 -18.04
CA LYS B 7 2.34 -12.25 -17.25
C LYS B 7 2.72 -11.98 -15.81
N ALA B 8 3.64 -12.75 -15.23
CA ALA B 8 3.94 -12.71 -13.79
C ALA B 8 4.58 -11.38 -13.33
N VAL B 9 5.13 -10.66 -14.31
CA VAL B 9 5.60 -9.29 -14.16
C VAL B 9 4.37 -8.47 -13.81
N ALA B 10 3.52 -8.27 -14.83
CA ALA B 10 2.23 -7.62 -14.69
C ALA B 10 1.45 -7.98 -13.43
N ALA B 11 1.63 -9.22 -12.96
CA ALA B 11 1.02 -9.71 -11.72
C ALA B 11 1.39 -8.88 -10.50
N ALA B 12 2.67 -8.54 -10.36
CA ALA B 12 3.09 -7.73 -9.19
C ALA B 12 3.44 -6.26 -9.50
N ILE B 13 3.10 -5.78 -10.70
CA ILE B 13 3.17 -4.33 -11.03
C ILE B 13 2.59 -3.35 -9.98
N GLY B 14 1.34 -3.62 -9.57
CA GLY B 14 0.70 -2.94 -8.45
C GLY B 14 1.39 -3.18 -7.11
N GLY B 15 2.32 -4.13 -7.04
CA GLY B 15 3.22 -4.23 -5.87
C GLY B 15 4.35 -3.19 -5.87
N GLY B 16 4.51 -2.47 -7.00
CA GLY B 16 5.58 -1.50 -7.18
C GLY B 16 6.92 -2.06 -7.67
N ALA B 17 7.85 -1.15 -7.98
CA ALA B 17 9.19 -1.47 -8.49
C ALA B 17 9.92 -2.61 -7.76
N ILE B 18 9.99 -2.58 -6.42
CA ILE B 18 10.57 -3.71 -5.70
C ILE B 18 9.94 -5.03 -6.17
N ALA B 19 8.61 -5.06 -6.26
CA ALA B 19 7.95 -6.33 -6.50
C ALA B 19 8.15 -6.76 -7.93
N ILE B 20 8.29 -5.80 -8.86
CA ILE B 20 8.62 -6.09 -10.29
C ILE B 20 10.00 -6.77 -10.40
N ALA B 21 11.00 -6.16 -9.78
CA ALA B 21 12.34 -6.69 -9.76
C ALA B 21 12.39 -8.06 -9.11
N SER B 22 11.77 -8.16 -7.94
CA SER B 22 11.80 -9.39 -7.15
C SER B 22 11.21 -10.55 -7.99
N VAL B 23 10.29 -10.19 -8.90
CA VAL B 23 9.65 -11.13 -9.79
C VAL B 23 10.64 -11.61 -10.82
N LEU B 24 11.16 -10.69 -11.63
CA LEU B 24 12.22 -10.97 -12.62
C LEU B 24 13.33 -11.87 -12.07
N ILE B 25 13.73 -11.64 -10.83
CA ILE B 25 14.73 -12.46 -10.18
C ILE B 25 14.27 -13.90 -9.91
N THR B 26 13.15 -14.08 -9.18
CA THR B 26 12.66 -15.41 -8.85
C THR B 26 11.84 -16.13 -9.94
N GLY B 27 11.20 -15.36 -10.83
CA GLY B 27 10.19 -15.91 -11.76
C GLY B 27 9.02 -16.46 -10.95
N PRO B 28 7.89 -16.86 -11.61
CA PRO B 28 6.74 -17.46 -10.85
C PRO B 28 7.05 -18.68 -9.94
N SER B 29 7.89 -19.59 -10.41
CA SER B 29 8.24 -20.77 -9.62
C SER B 29 9.24 -20.39 -8.53
N GLY B 30 10.41 -19.87 -8.91
CA GLY B 30 11.50 -19.59 -7.96
C GLY B 30 12.89 -19.85 -8.52
N ASN B 31 12.95 -20.69 -9.57
CA ASN B 31 14.18 -20.96 -10.33
C ASN B 31 14.09 -20.39 -11.72
N ASP B 32 12.86 -20.33 -12.24
CA ASP B 32 12.55 -19.90 -13.60
C ASP B 32 12.50 -18.35 -13.80
N GLY B 33 13.20 -17.62 -12.93
CA GLY B 33 13.54 -16.22 -13.17
C GLY B 33 15.03 -16.05 -13.46
N LEU B 34 15.41 -14.82 -13.78
CA LEU B 34 16.74 -14.46 -14.20
C LEU B 34 17.94 -14.89 -13.34
N GLU B 35 17.75 -15.06 -12.02
CA GLU B 35 18.79 -15.57 -11.07
C GLU B 35 18.72 -17.08 -10.80
N GLY B 36 19.90 -17.66 -10.54
CA GLY B 36 20.05 -19.07 -10.18
C GLY B 36 19.83 -19.34 -8.71
N VAL B 37 18.98 -20.32 -8.41
CA VAL B 37 18.54 -20.61 -7.05
C VAL B 37 19.34 -21.78 -6.48
N SER B 38 19.69 -21.70 -5.19
CA SER B 38 20.50 -22.72 -4.53
C SER B 38 20.49 -22.57 -3.00
N TYR B 39 20.09 -23.65 -2.31
CA TYR B 39 19.75 -23.59 -0.89
C TYR B 39 20.91 -24.07 -0.04
N ILE B 40 22.05 -24.20 -0.69
CA ILE B 40 23.32 -24.44 -0.02
C ILE B 40 24.37 -23.54 -0.68
N PRO B 41 25.22 -22.88 0.13
CA PRO B 41 26.35 -22.09 -0.41
C PRO B 41 27.15 -22.80 -1.49
N TYR B 42 27.26 -22.18 -2.67
CA TYR B 42 28.29 -22.60 -3.60
C TYR B 42 29.28 -21.47 -3.89
N LYS B 43 30.53 -21.83 -4.15
CA LYS B 43 31.50 -20.85 -4.60
C LYS B 43 31.32 -20.61 -6.10
N ASP B 44 31.05 -19.38 -6.46
CA ASP B 44 30.81 -19.05 -7.85
C ASP B 44 32.13 -19.05 -8.59
N ILE B 45 32.05 -18.79 -9.90
CA ILE B 45 33.20 -18.85 -10.79
C ILE B 45 34.37 -17.93 -10.40
N VAL B 46 34.07 -16.74 -9.87
CA VAL B 46 35.09 -15.81 -9.36
C VAL B 46 35.44 -16.06 -7.89
N GLY B 47 34.94 -17.19 -7.36
CA GLY B 47 35.22 -17.63 -6.00
C GLY B 47 34.55 -16.89 -4.87
N VAL B 48 33.31 -16.43 -5.05
CA VAL B 48 32.52 -15.84 -3.95
C VAL B 48 31.41 -16.81 -3.56
N TRP B 49 31.25 -17.07 -2.27
CA TRP B 49 30.07 -17.83 -1.80
C TRP B 49 28.78 -17.06 -2.06
N THR B 50 27.76 -17.86 -2.37
CA THR B 50 26.54 -17.40 -2.95
C THR B 50 25.55 -18.38 -2.43
N VAL B 51 24.31 -17.95 -2.26
CA VAL B 51 23.20 -18.77 -1.78
C VAL B 51 21.89 -18.12 -2.23
N CYS B 52 20.81 -18.90 -2.22
CA CYS B 52 19.48 -18.42 -2.61
C CYS B 52 19.54 -17.87 -4.02
N HIS B 53 18.83 -16.80 -4.35
CA HIS B 53 18.87 -16.30 -5.73
C HIS B 53 20.00 -15.31 -5.97
N GLY B 54 21.20 -15.62 -5.50
CA GLY B 54 22.34 -14.76 -5.77
C GLY B 54 22.88 -13.97 -4.58
N HIS B 55 22.32 -14.22 -3.40
CA HIS B 55 22.75 -13.52 -2.21
C HIS B 55 24.22 -13.77 -1.94
N THR B 56 24.99 -12.69 -1.79
CA THR B 56 26.37 -12.77 -1.29
C THR B 56 26.55 -11.72 -0.19
N GLY B 57 27.05 -12.19 0.95
CA GLY B 57 27.49 -11.33 2.07
C GLY B 57 28.66 -11.98 2.79
N LYS B 58 28.88 -11.59 4.06
CA LYS B 58 29.72 -12.35 5.00
C LYS B 58 28.84 -13.17 5.95
N ASP B 59 27.52 -13.02 5.78
CA ASP B 59 26.48 -13.62 6.62
C ASP B 59 26.03 -15.01 6.14
N ILE B 60 26.97 -15.79 5.59
CA ILE B 60 26.66 -17.09 4.93
C ILE B 60 27.31 -18.25 5.67
N MET B 61 26.51 -19.27 5.99
CA MET B 61 26.97 -20.48 6.72
C MET B 61 27.28 -21.65 5.76
N LEU B 62 28.53 -22.13 5.78
CA LEU B 62 29.08 -22.93 4.66
C LEU B 62 28.53 -24.34 4.42
N GLY B 63 27.98 -24.99 5.47
CA GLY B 63 27.24 -26.26 5.28
C GLY B 63 25.71 -26.14 5.33
N LYS B 64 25.20 -24.97 5.74
CA LYS B 64 23.79 -24.73 6.02
C LYS B 64 22.89 -25.02 4.83
N THR B 65 21.70 -25.56 5.12
CA THR B 65 20.62 -25.55 4.14
C THR B 65 19.66 -24.41 4.51
N TYR B 66 19.44 -23.52 3.54
CA TYR B 66 18.51 -22.38 3.66
C TYR B 66 17.10 -22.81 3.20
N THR B 67 16.09 -22.11 3.71
CA THR B 67 14.69 -22.42 3.38
C THR B 67 14.20 -21.45 2.31
N LYS B 68 13.05 -21.77 1.70
CA LYS B 68 12.34 -20.91 0.74
C LYS B 68 11.92 -19.61 1.44
N ALA B 69 11.80 -19.73 2.76
CA ALA B 69 11.44 -18.67 3.69
C ALA B 69 12.62 -17.76 3.90
N GLU B 70 13.75 -18.31 4.35
CA GLU B 70 14.97 -17.52 4.64
C GLU B 70 15.61 -16.80 3.42
N CYS B 71 15.44 -17.42 2.25
CA CYS B 71 15.84 -16.82 0.98
C CYS B 71 14.97 -15.62 0.56
N LYS B 72 13.68 -15.61 0.95
CA LYS B 72 12.84 -14.44 0.71
C LYS B 72 13.30 -13.26 1.57
N ALA B 73 13.70 -13.57 2.81
CA ALA B 73 14.24 -12.59 3.74
C ALA B 73 15.50 -11.95 3.18
N LEU B 74 16.42 -12.79 2.72
CA LEU B 74 17.66 -12.30 2.14
C LEU B 74 17.42 -11.43 0.89
N LEU B 75 16.49 -11.84 0.01
CA LEU B 75 16.29 -11.14 -1.24
C LEU B 75 15.75 -9.76 -1.00
N ASN B 76 14.69 -9.71 -0.18
CA ASN B 76 13.97 -8.48 0.08
C ASN B 76 14.93 -7.46 0.63
N LYS B 77 15.68 -7.85 1.66
CA LYS B 77 16.73 -7.05 2.23
C LYS B 77 17.73 -6.55 1.16
N ASP B 78 18.18 -7.48 0.29
CA ASP B 78 19.20 -7.24 -0.76
C ASP B 78 18.66 -6.27 -1.75
N LEU B 79 17.36 -6.39 -2.01
CA LEU B 79 16.75 -5.49 -2.94
C LEU B 79 16.48 -4.13 -2.33
N ALA B 80 16.27 -4.08 -1.01
CA ALA B 80 16.12 -2.83 -0.29
C ALA B 80 17.42 -2.09 -0.55
N THR B 81 18.53 -2.73 -0.18
CA THR B 81 19.89 -2.21 -0.42
C THR B 81 20.13 -1.63 -1.83
N VAL B 82 19.78 -2.36 -2.87
CA VAL B 82 19.94 -1.84 -4.25
C VAL B 82 19.20 -0.50 -4.42
N ALA B 83 17.94 -0.45 -3.98
CA ALA B 83 17.14 0.77 -4.03
C ALA B 83 17.81 1.88 -3.26
N ARG B 84 18.38 1.59 -2.09
CA ARG B 84 19.11 2.60 -1.34
C ARG B 84 20.29 3.14 -2.11
N GLN B 85 20.95 2.27 -2.85
CA GLN B 85 22.25 2.57 -3.41
C GLN B 85 22.18 3.24 -4.73
N ILE B 86 21.04 3.16 -5.37
CA ILE B 86 20.92 3.71 -6.70
C ILE B 86 19.93 4.86 -6.86
N ASN B 87 18.90 4.90 -6.03
CA ASN B 87 17.85 5.91 -6.20
C ASN B 87 18.31 7.37 -6.09
N PRO B 88 19.17 7.68 -5.08
CA PRO B 88 19.69 9.03 -4.92
C PRO B 88 20.41 9.57 -6.11
N TYR B 89 20.83 8.63 -6.97
CA TYR B 89 21.56 8.93 -8.18
C TYR B 89 20.60 9.21 -9.32
N ILE B 90 19.33 8.85 -9.14
CA ILE B 90 18.32 9.01 -10.17
C ILE B 90 17.55 10.33 -9.91
N LYS B 91 17.82 11.35 -10.74
CA LYS B 91 17.36 12.73 -10.45
C LYS B 91 16.03 13.06 -11.07
N VAL B 92 15.53 12.19 -11.93
CA VAL B 92 14.25 12.40 -12.59
C VAL B 92 13.18 11.41 -12.16
N ASP B 93 11.97 11.70 -12.60
CA ASP B 93 10.82 10.88 -12.35
C ASP B 93 10.77 9.75 -13.38
N ILE B 94 10.53 8.52 -12.92
CA ILE B 94 10.50 7.31 -13.76
C ILE B 94 9.43 6.29 -13.34
N PRO B 95 8.80 5.62 -14.33
CA PRO B 95 7.80 4.56 -14.08
C PRO B 95 8.32 3.43 -13.18
N GLU B 96 7.46 2.94 -12.30
CA GLU B 96 7.83 1.87 -11.40
C GLU B 96 8.30 0.62 -12.17
N THR B 97 7.88 0.50 -13.45
CA THR B 97 8.25 -0.61 -14.33
C THR B 97 9.75 -0.50 -14.56
N THR B 98 10.11 0.60 -15.23
CA THR B 98 11.46 1.09 -15.44
C THR B 98 12.34 0.98 -14.22
N ARG B 99 11.91 1.53 -13.08
CA ARG B 99 12.73 1.46 -11.86
C ARG B 99 13.04 0.02 -11.47
N GLY B 100 12.00 -0.82 -11.55
CA GLY B 100 12.06 -2.21 -11.13
C GLY B 100 12.95 -3.01 -12.04
N ALA B 101 12.83 -2.77 -13.34
CA ALA B 101 13.78 -3.24 -14.33
C ALA B 101 15.24 -2.90 -13.95
N LEU B 102 15.47 -1.70 -13.43
CA LEU B 102 16.82 -1.26 -13.09
C LEU B 102 17.30 -1.89 -11.81
N TYR B 103 16.39 -2.06 -10.85
CA TYR B 103 16.73 -2.80 -9.64
C TYR B 103 17.30 -4.17 -9.98
N SER B 104 16.70 -4.83 -10.97
CA SER B 104 17.13 -6.18 -11.35
C SER B 104 18.53 -6.15 -11.97
N PHE B 105 18.68 -5.33 -13.00
CA PHE B 105 19.95 -5.02 -13.65
C PHE B 105 21.08 -4.73 -12.66
N VAL B 106 20.83 -3.96 -11.61
CA VAL B 106 21.89 -3.59 -10.68
C VAL B 106 22.16 -4.73 -9.73
N TYR B 107 21.13 -5.52 -9.45
CA TYR B 107 21.25 -6.77 -8.68
C TYR B 107 22.40 -7.57 -9.28
N ASN B 108 22.33 -7.64 -10.59
CA ASN B 108 23.24 -8.38 -11.42
C ASN B 108 24.61 -7.71 -11.49
N VAL B 109 24.67 -6.47 -11.99
CA VAL B 109 25.96 -5.82 -12.28
C VAL B 109 26.56 -4.92 -11.19
N GLY B 110 25.85 -4.59 -10.12
CA GLY B 110 26.44 -3.80 -9.05
C GLY B 110 26.25 -2.29 -9.15
N ALA B 111 26.08 -1.67 -7.98
CA ALA B 111 25.86 -0.24 -7.81
C ALA B 111 26.95 0.63 -8.41
N GLY B 112 28.22 0.23 -8.28
CA GLY B 112 29.35 0.94 -8.88
C GLY B 112 29.21 1.08 -10.38
N ASN B 113 29.00 -0.05 -11.03
CA ASN B 113 28.84 -0.12 -12.47
C ASN B 113 27.72 0.74 -12.97
N PHE B 114 26.63 0.69 -12.21
CA PHE B 114 25.49 1.50 -12.47
C PHE B 114 25.78 2.98 -12.32
N ARG B 115 26.38 3.40 -11.19
CA ARG B 115 26.63 4.85 -10.92
C ARG B 115 27.51 5.51 -11.98
N THR B 116 28.50 4.80 -12.51
CA THR B 116 29.33 5.32 -13.60
C THR B 116 28.75 5.15 -15.03
N SER B 117 27.53 4.63 -15.15
CA SER B 117 27.14 4.10 -16.45
C SER B 117 26.61 5.21 -17.35
N THR B 118 26.74 5.04 -18.67
CA THR B 118 26.01 5.88 -19.62
C THR B 118 24.49 5.84 -19.43
N LEU B 119 23.95 4.65 -19.11
CA LEU B 119 22.54 4.41 -18.91
C LEU B 119 21.93 5.39 -17.94
N LEU B 120 22.57 5.57 -16.78
CA LEU B 120 22.10 6.49 -15.74
C LEU B 120 22.06 7.93 -16.23
N ARG B 121 23.08 8.31 -17.01
CA ARG B 121 23.19 9.59 -17.69
C ARG B 121 22.01 9.88 -18.66
N LYS B 122 21.62 8.87 -19.43
CA LYS B 122 20.43 8.98 -20.29
C LYS B 122 19.15 9.11 -19.49
N ILE B 123 18.99 8.26 -18.48
CA ILE B 123 17.95 8.39 -17.49
C ILE B 123 17.80 9.83 -17.03
N ASN B 124 18.89 10.41 -16.58
CA ASN B 124 18.83 11.70 -15.91
C ASN B 124 18.66 12.89 -16.86
N GLN B 125 18.94 12.68 -18.15
CA GLN B 125 18.68 13.62 -19.24
C GLN B 125 17.30 13.39 -19.79
N GLY B 126 16.46 12.67 -19.05
CA GLY B 126 15.10 12.30 -19.48
C GLY B 126 14.91 11.23 -20.55
N ASP B 127 16.00 10.74 -21.16
CA ASP B 127 15.99 9.85 -22.30
C ASP B 127 15.83 8.36 -21.93
N ILE B 128 14.58 7.95 -21.71
CA ILE B 128 14.26 6.59 -21.24
C ILE B 128 14.40 5.51 -22.30
N LYS B 129 13.88 5.76 -23.49
CA LYS B 129 14.20 4.91 -24.64
C LYS B 129 15.71 4.64 -24.70
N GLY B 130 16.49 5.72 -24.79
CA GLY B 130 17.96 5.69 -24.87
C GLY B 130 18.58 4.94 -23.71
N ALA B 131 18.01 5.14 -22.51
CA ALA B 131 18.44 4.43 -21.29
C ALA B 131 18.36 2.93 -21.43
N CYS B 132 17.14 2.43 -21.66
CA CYS B 132 16.83 1.01 -21.75
C CYS B 132 17.61 0.31 -22.86
N ASP B 133 17.84 1.00 -23.96
CA ASP B 133 18.68 0.46 -25.03
C ASP B 133 20.12 0.17 -24.59
N GLN B 134 20.59 0.94 -23.59
CA GLN B 134 21.92 0.78 -23.04
C GLN B 134 22.10 -0.53 -22.28
N LEU B 135 21.00 -1.12 -21.85
CA LEU B 135 21.05 -2.46 -21.28
C LEU B 135 21.78 -3.45 -22.16
N ARG B 136 21.64 -3.29 -23.46
CA ARG B 136 22.27 -4.16 -24.45
C ARG B 136 23.80 -4.12 -24.44
N ARG B 137 24.38 -3.07 -23.88
CA ARG B 137 25.83 -2.97 -23.88
C ARG B 137 26.45 -3.80 -22.77
N TRP B 138 25.59 -4.37 -21.91
CA TRP B 138 26.00 -5.07 -20.70
C TRP B 138 25.87 -6.55 -20.84
N THR B 139 26.44 -7.07 -21.91
CA THR B 139 26.25 -8.47 -22.21
C THR B 139 27.59 -9.21 -22.36
N TYR B 140 28.69 -8.60 -21.94
CA TYR B 140 30.04 -9.17 -22.04
C TYR B 140 30.56 -9.48 -20.65
N ALA B 141 31.48 -10.43 -20.54
CA ALA B 141 32.18 -10.74 -19.30
C ALA B 141 33.26 -11.70 -19.72
N GLY B 142 34.48 -11.42 -19.23
CA GLY B 142 35.68 -12.20 -19.53
C GLY B 142 36.07 -12.33 -20.99
N GLY B 143 35.92 -11.26 -21.74
CA GLY B 143 36.25 -11.27 -23.16
C GLY B 143 35.03 -11.38 -24.05
N LYS B 144 34.08 -12.21 -23.62
CA LYS B 144 33.04 -12.76 -24.50
C LYS B 144 31.70 -12.13 -24.22
N GLN B 145 30.88 -11.96 -25.26
CA GLN B 145 29.45 -11.74 -25.14
C GLN B 145 28.79 -13.08 -24.83
N TRP B 146 27.83 -13.06 -23.88
CA TRP B 146 27.09 -14.27 -23.49
C TRP B 146 25.65 -14.18 -23.90
N LYS B 147 25.19 -15.25 -24.54
CA LYS B 147 23.82 -15.37 -25.01
C LYS B 147 22.85 -15.28 -23.86
N GLY B 148 23.21 -15.87 -22.70
CA GLY B 148 22.43 -15.78 -21.48
C GLY B 148 22.23 -14.34 -20.99
N LEU B 149 23.27 -13.51 -21.10
CA LEU B 149 23.17 -12.05 -20.76
C LEU B 149 22.45 -11.27 -21.82
N MET B 150 22.65 -11.67 -23.07
CA MET B 150 21.88 -11.08 -24.17
C MET B 150 20.38 -11.23 -23.95
N THR B 151 19.93 -12.46 -23.66
CA THR B 151 18.55 -12.70 -23.22
C THR B 151 18.23 -11.81 -22.03
N ARG B 152 18.96 -11.96 -20.92
CA ARG B 152 18.65 -11.27 -19.66
C ARG B 152 18.45 -9.76 -19.84
N ARG B 153 19.22 -9.14 -20.72
CA ARG B 153 19.06 -7.70 -20.96
C ARG B 153 17.88 -7.39 -21.86
N GLU B 154 17.50 -8.29 -22.75
CA GLU B 154 16.28 -8.06 -23.53
C GLU B 154 15.04 -8.07 -22.63
N ILE B 155 15.01 -9.01 -21.68
CA ILE B 155 13.94 -9.12 -20.68
C ILE B 155 13.85 -7.86 -19.81
N GLU B 156 14.94 -7.53 -19.11
CA GLU B 156 15.08 -6.32 -18.34
C GLU B 156 14.66 -5.13 -19.19
N ARG B 157 15.12 -5.07 -20.45
CA ARG B 157 14.74 -3.98 -21.37
C ARG B 157 13.26 -3.90 -21.66
N GLU B 158 12.66 -5.04 -21.94
CA GLU B 158 11.25 -5.09 -22.24
C GLU B 158 10.50 -4.43 -21.09
N VAL B 159 10.74 -4.91 -19.87
CA VAL B 159 10.14 -4.36 -18.63
C VAL B 159 10.46 -2.87 -18.44
N CYS B 160 11.70 -2.48 -18.79
CA CYS B 160 12.16 -1.09 -18.71
C CYS B 160 11.33 -0.16 -19.60
N LEU B 161 10.94 -0.67 -20.77
CA LEU B 161 10.18 0.07 -21.78
C LEU B 161 8.70 -0.27 -21.74
N TRP B 162 8.16 -0.71 -20.61
CA TRP B 162 6.72 -1.01 -20.54
C TRP B 162 5.79 0.19 -20.70
N GLY B 163 6.20 1.34 -20.16
CA GLY B 163 5.44 2.59 -20.31
C GLY B 163 5.20 2.98 -21.76
N GLN B 164 6.30 3.13 -22.50
CA GLN B 164 6.34 3.66 -23.88
C GLN B 164 5.62 2.81 -24.94
N GLN B 165 5.10 1.66 -24.53
CA GLN B 165 4.50 0.65 -25.42
C GLN B 165 5.56 0.19 -26.45
N MET C 1 -19.15 9.26 -17.30
CA MET C 1 -20.46 9.10 -16.59
C MET C 1 -21.03 10.47 -16.16
N PRO C 2 -22.32 10.50 -15.73
CA PRO C 2 -22.91 11.68 -15.05
C PRO C 2 -22.10 12.19 -13.84
N PRO C 3 -22.07 13.52 -13.63
CA PRO C 3 -21.19 14.12 -12.59
C PRO C 3 -21.45 13.60 -11.16
N SER C 4 -22.73 13.41 -10.81
CA SER C 4 -23.15 12.92 -9.48
C SER C 4 -22.72 11.47 -9.23
N LEU C 5 -23.06 10.60 -10.19
CA LEU C 5 -22.61 9.20 -10.24
C LEU C 5 -21.08 9.03 -10.11
N ARG C 6 -20.31 9.85 -10.85
CA ARG C 6 -18.84 9.95 -10.70
C ARG C 6 -18.43 10.27 -9.23
N LYS C 7 -19.08 11.29 -8.61
CA LYS C 7 -18.81 11.67 -7.21
C LYS C 7 -19.22 10.58 -6.21
N ALA C 8 -20.30 9.88 -6.55
CA ALA C 8 -20.78 8.75 -5.77
C ALA C 8 -19.76 7.61 -5.81
N VAL C 9 -19.20 7.40 -6.97
CA VAL C 9 -18.16 6.40 -7.17
C VAL C 9 -16.90 6.82 -6.39
N ALA C 10 -16.54 8.10 -6.51
CA ALA C 10 -15.46 8.73 -5.75
C ALA C 10 -15.52 8.41 -4.25
N ALA C 11 -16.63 8.77 -3.61
CA ALA C 11 -16.89 8.50 -2.19
C ALA C 11 -16.82 7.00 -1.83
N ALA C 12 -17.38 6.15 -2.67
CA ALA C 12 -17.39 4.70 -2.43
C ALA C 12 -16.00 4.02 -2.39
N ILE C 13 -14.99 4.68 -2.96
CA ILE C 13 -13.63 4.10 -3.16
C ILE C 13 -13.07 3.48 -1.87
N GLY C 14 -12.97 4.31 -0.84
CA GLY C 14 -12.65 3.87 0.52
C GLY C 14 -13.36 2.61 0.96
N GLY C 15 -14.63 2.46 0.53
CA GLY C 15 -15.43 1.28 0.82
C GLY C 15 -14.99 0.01 0.13
N GLY C 16 -14.07 0.13 -0.85
CA GLY C 16 -13.66 -1.00 -1.69
C GLY C 16 -14.62 -1.36 -2.84
N ALA C 17 -14.21 -2.35 -3.63
CA ALA C 17 -14.90 -2.82 -4.83
C ALA C 17 -16.45 -3.02 -4.66
N ILE C 18 -16.86 -3.85 -3.69
CA ILE C 18 -18.29 -4.06 -3.34
C ILE C 18 -19.11 -2.76 -3.26
N ALA C 19 -18.53 -1.71 -2.67
CA ALA C 19 -19.20 -0.44 -2.48
C ALA C 19 -19.25 0.31 -3.81
N ILE C 20 -18.21 0.14 -4.60
CA ILE C 20 -18.05 0.80 -5.90
C ILE C 20 -19.12 0.26 -6.87
N ALA C 21 -19.22 -1.06 -6.91
CA ALA C 21 -20.18 -1.79 -7.70
C ALA C 21 -21.64 -1.47 -7.29
N SER C 22 -21.88 -1.46 -5.97
CA SER C 22 -23.16 -1.09 -5.37
C SER C 22 -23.61 0.31 -5.75
N VAL C 23 -22.67 1.23 -5.87
CA VAL C 23 -23.02 2.55 -6.35
C VAL C 23 -23.35 2.47 -7.84
N LEU C 24 -22.60 1.68 -8.60
CA LEU C 24 -22.85 1.62 -10.03
C LEU C 24 -24.28 1.19 -10.27
N ILE C 25 -24.70 0.19 -9.51
CA ILE C 25 -25.99 -0.43 -9.65
C ILE C 25 -27.14 0.45 -9.16
N THR C 26 -26.99 1.05 -7.99
CA THR C 26 -28.06 1.83 -7.38
C THR C 26 -28.02 3.26 -7.78
N GLY C 27 -26.85 3.76 -8.15
CA GLY C 27 -26.68 5.21 -8.35
C GLY C 27 -26.67 5.96 -7.04
N PRO C 28 -26.46 7.30 -7.08
CA PRO C 28 -26.27 8.08 -5.86
C PRO C 28 -27.51 8.08 -4.99
N SER C 29 -28.66 8.25 -5.62
CA SER C 29 -29.97 8.28 -4.97
C SER C 29 -30.52 6.87 -4.69
N GLY C 30 -29.74 5.85 -4.98
CA GLY C 30 -30.15 4.48 -4.74
C GLY C 30 -31.33 4.01 -5.58
N ASN C 31 -31.55 4.66 -6.72
CA ASN C 31 -32.60 4.31 -7.71
C ASN C 31 -32.23 4.73 -9.14
N ASP C 32 -31.06 5.36 -9.29
CA ASP C 32 -30.71 5.99 -10.55
C ASP C 32 -29.33 5.53 -11.06
N GLY C 33 -29.15 4.23 -11.12
CA GLY C 33 -27.89 3.71 -11.61
C GLY C 33 -28.06 2.80 -12.80
N LEU C 34 -27.06 1.96 -12.99
CA LEU C 34 -27.00 1.07 -14.12
C LEU C 34 -28.18 0.14 -14.18
N GLU C 35 -28.64 -0.31 -13.02
CA GLU C 35 -29.86 -1.11 -12.91
C GLU C 35 -30.99 -0.18 -12.46
N GLY C 36 -32.23 -0.57 -12.77
CA GLY C 36 -33.35 0.20 -12.26
C GLY C 36 -33.51 -0.13 -10.80
N VAL C 37 -34.70 0.17 -10.27
CA VAL C 37 -35.17 -0.45 -9.02
C VAL C 37 -36.66 -0.63 -9.09
N SER C 38 -37.16 -1.75 -8.56
CA SER C 38 -38.58 -2.10 -8.59
C SER C 38 -39.03 -2.69 -7.26
N TYR C 39 -40.04 -2.10 -6.61
CA TYR C 39 -40.47 -2.59 -5.30
C TYR C 39 -41.52 -3.68 -5.35
N ILE C 40 -42.12 -3.85 -6.52
CA ILE C 40 -43.08 -4.93 -6.77
C ILE C 40 -42.54 -5.87 -7.85
N PRO C 41 -42.40 -7.19 -7.54
CA PRO C 41 -41.99 -8.26 -8.50
C PRO C 41 -42.73 -8.17 -9.86
N TYR C 42 -42.05 -8.43 -10.97
CA TYR C 42 -42.65 -8.37 -12.31
C TYR C 42 -41.94 -9.32 -13.23
N LYS C 43 -42.64 -9.81 -14.25
CA LYS C 43 -41.99 -10.62 -15.29
C LYS C 43 -41.29 -9.69 -16.28
N ASP C 44 -39.98 -9.92 -16.57
CA ASP C 44 -39.31 -9.12 -17.61
C ASP C 44 -39.58 -9.68 -19.03
N ILE C 45 -38.61 -9.55 -19.94
CA ILE C 45 -38.75 -10.02 -21.33
C ILE C 45 -38.84 -11.56 -21.47
N VAL C 46 -37.77 -12.30 -21.09
CA VAL C 46 -37.79 -13.79 -21.09
C VAL C 46 -38.96 -14.34 -20.24
N GLY C 47 -39.50 -13.50 -19.36
CA GLY C 47 -40.58 -13.90 -18.41
C GLY C 47 -40.06 -14.36 -17.06
N VAL C 48 -38.79 -14.05 -16.79
CA VAL C 48 -38.17 -14.30 -15.49
C VAL C 48 -38.74 -13.27 -14.51
N TRP C 49 -39.22 -13.76 -13.38
CA TRP C 49 -39.59 -12.89 -12.28
C TRP C 49 -38.38 -12.13 -11.75
N THR C 50 -38.60 -10.84 -11.47
CA THR C 50 -37.55 -9.92 -11.06
C THR C 50 -38.03 -8.73 -10.19
N VAL C 51 -37.16 -8.29 -9.26
CA VAL C 51 -37.55 -7.30 -8.25
C VAL C 51 -36.31 -6.64 -7.77
N CYS C 52 -36.52 -5.46 -7.15
CA CYS C 52 -35.47 -4.65 -6.52
C CYS C 52 -34.52 -4.19 -7.60
N HIS C 53 -33.22 -4.34 -7.40
CA HIS C 53 -32.21 -3.85 -8.32
C HIS C 53 -31.82 -4.91 -9.38
N GLY C 54 -32.83 -5.63 -9.87
CA GLY C 54 -32.65 -6.56 -10.96
C GLY C 54 -32.40 -7.96 -10.43
N HIS C 55 -32.84 -8.25 -9.21
CA HIS C 55 -32.56 -9.55 -8.60
C HIS C 55 -33.48 -10.53 -9.23
N THR C 56 -32.97 -11.69 -9.63
CA THR C 56 -33.81 -12.87 -9.94
C THR C 56 -33.57 -14.03 -8.96
N GLY C 57 -34.39 -15.08 -9.02
CA GLY C 57 -34.15 -16.29 -8.22
C GLY C 57 -35.41 -16.96 -7.71
N LYS C 58 -35.22 -17.99 -6.88
CA LYS C 58 -36.35 -18.75 -6.36
C LYS C 58 -36.86 -18.17 -5.06
N ASP C 59 -36.27 -17.06 -4.61
CA ASP C 59 -36.55 -16.47 -3.29
C ASP C 59 -37.44 -15.20 -3.28
N ILE C 60 -37.95 -14.82 -4.44
CA ILE C 60 -38.90 -13.68 -4.57
C ILE C 60 -40.29 -14.04 -4.07
N MET C 61 -40.80 -13.20 -3.18
CA MET C 61 -42.17 -13.21 -2.74
C MET C 61 -42.99 -12.37 -3.72
N LEU C 62 -43.61 -13.03 -4.70
CA LEU C 62 -44.38 -12.38 -5.78
C LEU C 62 -45.37 -11.33 -5.33
N GLY C 63 -45.99 -11.54 -4.17
CA GLY C 63 -47.11 -10.70 -3.75
C GLY C 63 -46.72 -9.66 -2.73
N LYS C 64 -45.41 -9.39 -2.64
CA LYS C 64 -44.82 -8.58 -1.57
C LYS C 64 -44.35 -7.23 -2.10
N THR C 65 -44.66 -6.18 -1.37
CA THR C 65 -44.06 -4.89 -1.65
C THR C 65 -42.78 -4.76 -0.83
N TYR C 66 -41.66 -4.87 -1.52
CA TYR C 66 -40.33 -4.71 -0.95
C TYR C 66 -40.07 -3.24 -0.55
N THR C 67 -39.28 -3.08 0.49
CA THR C 67 -38.88 -1.75 0.95
C THR C 67 -37.50 -1.41 0.42
N LYS C 68 -37.11 -0.14 0.52
CA LYS C 68 -35.78 0.35 0.18
C LYS C 68 -34.65 -0.47 0.82
N ALA C 69 -34.79 -0.81 2.09
CA ALA C 69 -33.75 -1.56 2.80
C ALA C 69 -33.68 -3.03 2.43
N GLU C 70 -34.82 -3.66 2.19
CA GLU C 70 -34.78 -5.05 1.71
C GLU C 70 -34.07 -5.11 0.37
N CYS C 71 -34.40 -4.18 -0.54
CA CYS C 71 -33.72 -4.17 -1.84
C CYS C 71 -32.18 -4.03 -1.70
N LYS C 72 -31.75 -3.12 -0.83
CA LYS C 72 -30.35 -2.93 -0.53
C LYS C 72 -29.69 -4.15 0.14
N ALA C 73 -30.38 -4.82 1.05
CA ALA C 73 -29.82 -6.01 1.67
C ALA C 73 -29.67 -7.12 0.64
N LEU C 74 -30.66 -7.23 -0.25
CA LEU C 74 -30.62 -8.15 -1.40
C LEU C 74 -29.46 -7.94 -2.39
N LEU C 75 -29.15 -6.69 -2.69
CA LEU C 75 -28.06 -6.44 -3.62
C LEU C 75 -26.77 -6.90 -3.00
N ASN C 76 -26.56 -6.52 -1.73
CA ASN C 76 -25.39 -6.88 -0.96
C ASN C 76 -25.17 -8.41 -0.96
N LYS C 77 -26.21 -9.18 -0.67
CA LYS C 77 -26.11 -10.65 -0.79
C LYS C 77 -25.66 -11.10 -2.20
N ASP C 78 -26.27 -10.55 -3.23
CA ASP C 78 -26.04 -10.94 -4.61
C ASP C 78 -24.65 -10.59 -5.05
N LEU C 79 -24.20 -9.38 -4.71
CA LEU C 79 -22.86 -8.94 -5.03
C LEU C 79 -21.74 -9.76 -4.35
N ALA C 80 -21.95 -10.08 -3.07
CA ALA C 80 -21.05 -11.00 -2.37
C ALA C 80 -20.96 -12.31 -3.16
N THR C 81 -22.12 -12.84 -3.59
CA THR C 81 -22.23 -14.06 -4.41
C THR C 81 -21.43 -13.96 -5.69
N VAL C 82 -21.45 -12.79 -6.33
CA VAL C 82 -20.72 -12.60 -7.58
C VAL C 82 -19.24 -12.70 -7.23
N ALA C 83 -18.86 -11.94 -6.19
CA ALA C 83 -17.47 -11.84 -5.75
C ALA C 83 -16.90 -13.23 -5.51
N ARG C 84 -17.66 -14.05 -4.79
CA ARG C 84 -17.37 -15.47 -4.58
C ARG C 84 -17.20 -16.25 -5.88
N GLN C 85 -18.02 -15.95 -6.88
CA GLN C 85 -18.01 -16.70 -8.13
C GLN C 85 -16.82 -16.34 -9.04
N ILE C 86 -16.31 -15.10 -8.92
CA ILE C 86 -15.28 -14.59 -9.85
C ILE C 86 -13.90 -14.29 -9.25
N ASN C 87 -13.83 -13.94 -7.97
CA ASN C 87 -12.52 -13.68 -7.33
C ASN C 87 -11.52 -14.84 -7.34
N PRO C 88 -12.02 -16.13 -7.24
CA PRO C 88 -11.13 -17.28 -7.46
C PRO C 88 -10.46 -17.29 -8.86
N TYR C 89 -11.15 -16.76 -9.87
CA TYR C 89 -10.61 -16.79 -11.22
C TYR C 89 -9.76 -15.57 -11.54
N ILE C 90 -9.73 -14.57 -10.66
CA ILE C 90 -8.77 -13.50 -10.84
C ILE C 90 -7.48 -13.88 -10.09
N LYS C 91 -6.48 -14.33 -10.88
CA LYS C 91 -5.17 -14.77 -10.39
C LYS C 91 -4.16 -13.62 -10.22
N VAL C 92 -4.59 -12.37 -10.42
CA VAL C 92 -3.70 -11.19 -10.42
C VAL C 92 -4.23 -10.08 -9.50
N ASP C 93 -3.31 -9.23 -9.03
CA ASP C 93 -3.63 -8.04 -8.25
C ASP C 93 -4.21 -6.93 -9.11
N ILE C 94 -5.43 -6.54 -8.77
CA ILE C 94 -6.18 -5.49 -9.47
C ILE C 94 -6.73 -4.45 -8.47
N PRO C 95 -6.77 -3.16 -8.86
CA PRO C 95 -7.24 -2.14 -7.92
C PRO C 95 -8.75 -2.26 -7.62
N GLU C 96 -9.24 -1.60 -6.58
CA GLU C 96 -10.65 -1.74 -6.16
C GLU C 96 -11.66 -1.29 -7.25
N THR C 97 -11.48 -0.06 -7.78
CA THR C 97 -12.25 0.48 -8.92
C THR C 97 -12.50 -0.56 -10.03
N THR C 98 -11.42 -1.16 -10.53
CA THR C 98 -11.44 -2.19 -11.56
C THR C 98 -12.23 -3.45 -11.14
N ARG C 99 -12.05 -3.83 -9.87
CA ARG C 99 -12.75 -4.98 -9.32
C ARG C 99 -14.28 -4.68 -9.18
N GLY C 100 -14.61 -3.43 -8.86
CA GLY C 100 -16.00 -3.00 -8.74
C GLY C 100 -16.69 -3.02 -10.08
N ALA C 101 -16.00 -2.49 -11.09
CA ALA C 101 -16.49 -2.47 -12.44
C ALA C 101 -16.83 -3.87 -12.95
N LEU C 102 -15.94 -4.85 -12.77
CA LEU C 102 -16.26 -6.24 -13.18
C LEU C 102 -17.42 -6.85 -12.42
N TYR C 103 -17.60 -6.39 -11.16
CA TYR C 103 -18.69 -6.84 -10.30
C TYR C 103 -20.02 -6.45 -10.93
N SER C 104 -20.10 -5.16 -11.23
CA SER C 104 -21.18 -4.60 -12.01
C SER C 104 -21.38 -5.41 -13.31
N PHE C 105 -20.28 -5.63 -14.04
CA PHE C 105 -20.33 -6.26 -15.33
C PHE C 105 -20.93 -7.63 -15.16
N VAL C 106 -20.32 -8.43 -14.29
CA VAL C 106 -20.70 -9.84 -14.06
C VAL C 106 -22.10 -10.01 -13.49
N TYR C 107 -22.55 -9.01 -12.72
CA TYR C 107 -23.90 -8.96 -12.15
C TYR C 107 -24.86 -9.02 -13.33
N ASN C 108 -24.54 -8.20 -14.32
CA ASN C 108 -25.30 -8.11 -15.53
C ASN C 108 -25.13 -9.38 -16.38
N VAL C 109 -23.87 -9.64 -16.70
CA VAL C 109 -23.50 -10.53 -17.78
C VAL C 109 -23.39 -12.00 -17.41
N GLY C 110 -23.23 -12.31 -16.11
CA GLY C 110 -23.13 -13.69 -15.61
C GLY C 110 -21.72 -14.23 -15.37
N ALA C 111 -21.63 -15.28 -14.56
CA ALA C 111 -20.35 -15.84 -14.09
C ALA C 111 -19.68 -16.69 -15.18
N GLY C 112 -20.47 -17.61 -15.76
CA GLY C 112 -20.06 -18.42 -16.90
C GLY C 112 -19.44 -17.59 -18.02
N ASN C 113 -20.21 -16.65 -18.57
CA ASN C 113 -19.72 -15.71 -19.59
C ASN C 113 -18.39 -15.08 -19.20
N PHE C 114 -18.29 -14.67 -17.94
CA PHE C 114 -17.08 -14.03 -17.44
C PHE C 114 -15.84 -14.95 -17.47
N ARG C 115 -16.01 -16.16 -16.94
CA ARG C 115 -14.93 -17.16 -16.84
C ARG C 115 -14.25 -17.49 -18.19
N THR C 116 -15.05 -17.64 -19.25
CA THR C 116 -14.54 -18.07 -20.55
C THR C 116 -14.24 -16.88 -21.45
N SER C 117 -14.49 -15.67 -20.95
CA SER C 117 -14.34 -14.45 -21.73
C SER C 117 -12.86 -14.15 -22.04
N THR C 118 -12.65 -13.36 -23.10
CA THR C 118 -11.34 -12.82 -23.44
C THR C 118 -10.92 -11.77 -22.39
N LEU C 119 -11.88 -10.96 -21.94
CA LEU C 119 -11.67 -9.96 -20.89
C LEU C 119 -10.89 -10.48 -19.68
N LEU C 120 -11.33 -11.62 -19.15
CA LEU C 120 -10.64 -12.31 -18.05
C LEU C 120 -9.24 -12.87 -18.42
N ARG C 121 -9.06 -13.40 -19.65
CA ARG C 121 -7.72 -13.83 -20.11
C ARG C 121 -6.77 -12.65 -20.22
N LYS C 122 -7.26 -11.48 -20.63
CA LYS C 122 -6.41 -10.29 -20.69
C LYS C 122 -6.06 -9.80 -19.28
N ILE C 123 -7.01 -10.00 -18.36
CA ILE C 123 -6.88 -9.71 -16.94
C ILE C 123 -5.71 -10.52 -16.32
N ASN C 124 -5.76 -11.84 -16.54
CA ASN C 124 -4.81 -12.80 -15.99
C ASN C 124 -3.46 -12.86 -16.70
N GLN C 125 -3.29 -11.96 -17.67
CA GLN C 125 -2.03 -11.73 -18.35
C GLN C 125 -1.46 -10.41 -17.87
N GLY C 126 -2.26 -9.69 -17.07
CA GLY C 126 -1.90 -8.37 -16.56
C GLY C 126 -2.09 -7.24 -17.55
N ASP C 127 -2.79 -7.54 -18.65
CA ASP C 127 -3.23 -6.50 -19.56
C ASP C 127 -4.56 -6.00 -19.02
N ILE C 128 -4.46 -4.93 -18.24
CA ILE C 128 -5.60 -4.40 -17.53
C ILE C 128 -6.32 -3.40 -18.42
N LYS C 129 -5.57 -2.44 -18.96
CA LYS C 129 -6.14 -1.43 -19.84
C LYS C 129 -6.85 -2.14 -21.00
N GLY C 130 -6.27 -3.27 -21.44
CA GLY C 130 -6.80 -4.09 -22.52
C GLY C 130 -8.05 -4.87 -22.17
N ALA C 131 -8.21 -5.15 -20.87
CA ALA C 131 -9.42 -5.83 -20.35
C ALA C 131 -10.60 -4.87 -20.16
N CYS C 132 -10.31 -3.60 -19.83
CA CYS C 132 -11.35 -2.58 -19.69
C CYS C 132 -12.01 -2.23 -21.04
N ASP C 133 -11.18 -2.14 -22.10
CA ASP C 133 -11.65 -2.03 -23.48
C ASP C 133 -12.52 -3.22 -23.93
N GLN C 134 -12.15 -4.43 -23.52
CA GLN C 134 -12.94 -5.65 -23.80
C GLN C 134 -14.41 -5.58 -23.36
N LEU C 135 -14.75 -4.58 -22.55
CA LEU C 135 -16.15 -4.37 -22.12
C LEU C 135 -17.04 -3.95 -23.28
N ARG C 136 -16.51 -3.06 -24.15
CA ARG C 136 -17.25 -2.45 -25.28
C ARG C 136 -17.79 -3.51 -26.27
N ARG C 137 -17.12 -4.64 -26.28
CA ARG C 137 -17.49 -5.79 -27.08
C ARG C 137 -18.73 -6.52 -26.56
N TRP C 138 -19.30 -6.02 -25.47
CA TRP C 138 -20.41 -6.72 -24.79
C TRP C 138 -21.72 -5.98 -24.84
N THR C 139 -22.05 -5.50 -26.02
CA THR C 139 -23.21 -4.65 -26.23
C THR C 139 -24.20 -5.35 -27.18
N TYR C 140 -23.91 -6.63 -27.48
CA TYR C 140 -24.61 -7.43 -28.50
C TYR C 140 -25.44 -8.56 -27.97
N ALA C 141 -26.75 -8.49 -28.22
CA ALA C 141 -27.64 -9.61 -28.00
C ALA C 141 -28.62 -9.70 -29.16
N GLY C 142 -28.76 -10.92 -29.69
CA GLY C 142 -29.71 -11.25 -30.75
C GLY C 142 -29.52 -10.58 -32.11
N GLY C 143 -28.27 -10.23 -32.43
CA GLY C 143 -27.93 -9.55 -33.69
C GLY C 143 -27.96 -8.02 -33.67
N LYS C 144 -28.48 -7.42 -32.61
CA LYS C 144 -28.59 -5.95 -32.47
C LYS C 144 -27.61 -5.48 -31.39
N GLN C 145 -26.96 -4.36 -31.63
CA GLN C 145 -26.21 -3.66 -30.59
C GLN C 145 -27.13 -2.63 -29.92
N TRP C 146 -27.14 -2.61 -28.59
CA TRP C 146 -28.05 -1.77 -27.81
C TRP C 146 -27.34 -0.58 -27.23
N LYS C 147 -27.99 0.59 -27.35
CA LYS C 147 -27.45 1.87 -26.90
C LYS C 147 -27.33 1.86 -25.40
N GLY C 148 -28.29 1.23 -24.74
CA GLY C 148 -28.32 1.08 -23.27
C GLY C 148 -27.12 0.29 -22.76
N LEU C 149 -26.82 -0.80 -23.44
CA LEU C 149 -25.64 -1.59 -23.14
C LEU C 149 -24.30 -0.87 -23.42
N MET C 150 -24.22 -0.11 -24.50
CA MET C 150 -23.05 0.72 -24.79
C MET C 150 -22.79 1.80 -23.72
N THR C 151 -23.85 2.47 -23.22
CA THR C 151 -23.69 3.48 -22.17
C THR C 151 -23.32 2.84 -20.80
N ARG C 152 -23.96 1.73 -20.49
CA ARG C 152 -23.53 0.88 -19.37
C ARG C 152 -22.03 0.54 -19.43
N ARG C 153 -21.61 -0.09 -20.53
CA ARG C 153 -20.21 -0.49 -20.72
C ARG C 153 -19.26 0.70 -20.70
N GLU C 154 -19.66 1.82 -21.30
CA GLU C 154 -18.84 3.03 -21.23
C GLU C 154 -18.51 3.40 -19.78
N ILE C 155 -19.58 3.48 -18.99
CA ILE C 155 -19.54 3.91 -17.59
C ILE C 155 -18.67 2.96 -16.78
N GLU C 156 -18.96 1.67 -16.88
CA GLU C 156 -18.15 0.61 -16.27
C GLU C 156 -16.69 0.61 -16.68
N ARG C 157 -16.42 0.92 -17.95
CA ARG C 157 -15.06 1.14 -18.46
C ARG C 157 -14.36 2.29 -17.74
N GLU C 158 -15.00 3.45 -17.65
CA GLU C 158 -14.42 4.63 -16.99
C GLU C 158 -13.94 4.34 -15.59
N VAL C 159 -14.74 3.56 -14.87
CA VAL C 159 -14.46 3.11 -13.52
C VAL C 159 -13.32 2.11 -13.53
N CYS C 160 -13.37 1.15 -14.45
CA CYS C 160 -12.35 0.12 -14.59
C CYS C 160 -10.98 0.79 -14.74
N LEU C 161 -10.92 1.77 -15.64
CA LEU C 161 -9.76 2.63 -15.85
C LEU C 161 -9.78 3.91 -15.02
N TRP C 162 -10.39 3.87 -13.84
CA TRP C 162 -10.39 5.04 -12.97
C TRP C 162 -8.96 5.32 -12.51
N GLY C 163 -8.27 4.25 -12.07
CA GLY C 163 -6.87 4.32 -11.66
C GLY C 163 -5.85 4.83 -12.68
N GLN C 164 -6.08 4.56 -13.98
CA GLN C 164 -5.08 4.85 -15.02
C GLN C 164 -5.28 6.24 -15.66
N GLN C 165 -6.52 6.51 -16.10
CA GLN C 165 -6.95 7.83 -16.61
C GLN C 165 -8.46 8.00 -16.41
N MET D 1 -8.56 5.76 26.80
CA MET D 1 -7.49 5.26 25.90
C MET D 1 -6.17 5.12 26.67
N PRO D 2 -5.80 3.87 27.07
CA PRO D 2 -4.41 3.65 27.50
C PRO D 2 -3.37 4.18 26.48
N PRO D 3 -2.21 4.70 26.97
CA PRO D 3 -1.06 5.06 26.12
C PRO D 3 -0.64 3.95 25.14
N SER D 4 -0.50 2.73 25.65
CA SER D 4 0.08 1.60 24.90
C SER D 4 -0.78 1.24 23.72
N LEU D 5 -2.11 1.27 23.96
CA LEU D 5 -3.12 1.06 22.93
C LEU D 5 -3.18 2.26 22.00
N ARG D 6 -3.09 3.48 22.56
CA ARG D 6 -3.02 4.74 21.76
C ARG D 6 -1.94 4.72 20.66
N LYS D 7 -0.77 4.20 21.02
CA LYS D 7 0.34 4.12 20.08
C LYS D 7 0.22 2.92 19.13
N ALA D 8 -0.39 1.83 19.62
CA ALA D 8 -0.65 0.65 18.75
C ALA D 8 -1.64 0.99 17.62
N VAL D 9 -2.59 1.88 17.93
CA VAL D 9 -3.53 2.40 16.93
C VAL D 9 -2.73 3.18 15.88
N ALA D 10 -1.97 4.16 16.35
CA ALA D 10 -1.12 4.94 15.50
C ALA D 10 -0.24 4.05 14.60
N ALA D 11 0.30 2.96 15.17
CA ALA D 11 1.13 2.01 14.46
C ALA D 11 0.36 1.27 13.37
N ALA D 12 -0.93 1.03 13.61
CA ALA D 12 -1.78 0.31 12.71
C ALA D 12 -2.13 1.11 11.46
N ILE D 13 -2.40 2.42 11.62
CA ILE D 13 -3.04 3.27 10.59
C ILE D 13 -2.62 3.10 9.11
N GLY D 14 -1.31 3.03 8.88
CA GLY D 14 -0.75 2.67 7.58
C GLY D 14 -1.38 1.43 6.95
N GLY D 15 -1.82 0.48 7.79
CA GLY D 15 -2.44 -0.78 7.35
C GLY D 15 -3.93 -0.71 7.00
N GLY D 16 -4.49 0.50 7.01
CA GLY D 16 -5.89 0.70 6.66
C GLY D 16 -6.88 0.41 7.79
N ALA D 17 -8.16 0.37 7.42
CA ALA D 17 -9.22 0.26 8.41
C ALA D 17 -9.30 -1.12 9.04
N ILE D 18 -8.82 -2.13 8.32
CA ILE D 18 -8.80 -3.49 8.76
C ILE D 18 -7.73 -3.66 9.85
N ALA D 19 -6.55 -3.08 9.66
CA ALA D 19 -5.51 -3.11 10.67
C ALA D 19 -5.85 -2.29 11.93
N ILE D 20 -6.37 -1.07 11.73
CA ILE D 20 -6.89 -0.24 12.82
C ILE D 20 -7.96 -0.99 13.66
N ALA D 21 -8.81 -1.75 12.98
CA ALA D 21 -9.86 -2.49 13.65
C ALA D 21 -9.30 -3.69 14.41
N SER D 22 -8.25 -4.31 13.86
CA SER D 22 -7.65 -5.50 14.43
C SER D 22 -7.15 -5.21 15.83
N VAL D 23 -6.55 -4.04 15.98
CA VAL D 23 -5.90 -3.56 17.18
C VAL D 23 -6.97 -3.30 18.23
N LEU D 24 -8.08 -2.70 17.83
CA LEU D 24 -9.18 -2.43 18.74
C LEU D 24 -9.78 -3.73 19.25
N ILE D 25 -9.87 -4.72 18.37
CA ILE D 25 -10.39 -6.04 18.72
C ILE D 25 -9.36 -6.87 19.52
N THR D 26 -8.08 -6.55 19.32
CA THR D 26 -6.93 -7.29 19.91
C THR D 26 -6.39 -6.67 21.22
N GLY D 27 -6.81 -5.44 21.51
CA GLY D 27 -6.40 -4.71 22.73
C GLY D 27 -6.90 -5.38 24.00
N PRO D 28 -6.07 -5.35 25.09
CA PRO D 28 -6.45 -5.83 26.44
C PRO D 28 -7.69 -5.12 27.01
N SER D 29 -8.48 -5.88 27.79
CA SER D 29 -9.87 -5.49 28.13
C SER D 29 -10.17 -5.04 29.58
N GLY D 30 -9.25 -5.31 30.51
CA GLY D 30 -9.47 -4.95 31.94
C GLY D 30 -8.43 -3.96 32.42
N ASN D 31 -8.31 -3.79 33.74
CA ASN D 31 -7.20 -2.99 34.30
C ASN D 31 -5.78 -3.56 34.00
N ASP D 32 -5.68 -4.89 33.96
CA ASP D 32 -4.45 -5.54 33.51
C ASP D 32 -4.38 -5.67 31.96
N GLY D 33 -3.16 -5.66 31.44
CA GLY D 33 -2.97 -5.77 30.00
C GLY D 33 -2.64 -7.18 29.57
N LEU D 34 -3.60 -8.10 29.74
CA LEU D 34 -3.34 -9.50 29.31
C LEU D 34 -3.98 -9.99 28.02
N GLU D 35 -5.14 -9.35 27.66
CA GLU D 35 -5.95 -9.74 26.46
C GLU D 35 -6.12 -11.27 26.44
N GLY D 36 -6.81 -11.79 27.45
CA GLY D 36 -6.91 -13.24 27.66
C GLY D 36 -7.82 -14.00 26.71
N VAL D 37 -7.37 -14.15 25.45
CA VAL D 37 -8.09 -14.84 24.38
C VAL D 37 -8.25 -16.31 24.70
N SER D 38 -9.33 -16.92 24.21
CA SER D 38 -9.50 -18.34 24.35
C SER D 38 -9.26 -18.96 22.97
N TYR D 39 -8.14 -19.69 22.84
CA TYR D 39 -7.76 -20.47 21.63
C TYR D 39 -8.57 -21.76 21.46
N ILE D 40 -9.34 -22.11 22.49
CA ILE D 40 -10.21 -23.29 22.51
C ILE D 40 -11.65 -22.77 22.59
N PRO D 41 -12.58 -23.30 21.75
CA PRO D 41 -13.90 -22.63 21.68
C PRO D 41 -14.84 -22.79 22.91
N TYR D 42 -15.11 -21.66 23.57
CA TYR D 42 -16.00 -21.54 24.72
C TYR D 42 -17.44 -21.00 24.40
N LYS D 43 -18.42 -21.37 25.23
CA LYS D 43 -19.82 -20.90 25.08
C LYS D 43 -20.09 -19.69 25.97
N ASP D 44 -20.32 -18.53 25.36
CA ASP D 44 -20.53 -17.32 26.13
C ASP D 44 -21.85 -17.28 26.94
N ILE D 45 -22.02 -16.12 27.60
CA ILE D 45 -23.14 -15.74 28.49
C ILE D 45 -24.54 -15.82 27.87
N VAL D 46 -24.62 -15.57 26.56
CA VAL D 46 -25.87 -15.64 25.80
C VAL D 46 -25.90 -16.88 24.89
N GLY D 47 -25.12 -17.88 25.30
CA GLY D 47 -25.26 -19.23 24.78
C GLY D 47 -24.60 -19.45 23.45
N VAL D 48 -23.68 -18.55 23.06
CA VAL D 48 -23.09 -18.54 21.71
C VAL D 48 -21.64 -19.01 21.74
N TRP D 49 -21.31 -19.97 20.87
CA TRP D 49 -19.91 -20.41 20.71
C TRP D 49 -18.96 -19.33 20.17
N THR D 50 -17.85 -19.12 20.88
CA THR D 50 -16.89 -18.08 20.53
C THR D 50 -15.45 -18.62 20.65
N VAL D 51 -14.52 -18.10 19.83
CA VAL D 51 -13.07 -18.45 19.87
C VAL D 51 -12.22 -17.26 19.39
N CYS D 52 -10.90 -17.30 19.65
CA CYS D 52 -9.96 -16.27 19.18
C CYS D 52 -10.39 -14.87 19.64
N HIS D 53 -10.07 -13.82 18.90
CA HIS D 53 -10.44 -12.51 19.36
C HIS D 53 -11.95 -12.16 19.20
N GLY D 54 -12.79 -13.19 19.34
CA GLY D 54 -14.24 -13.02 19.42
C GLY D 54 -15.02 -13.53 18.21
N HIS D 55 -14.46 -14.55 17.55
CA HIS D 55 -15.01 -15.11 16.34
C HIS D 55 -16.25 -15.94 16.64
N THR D 56 -17.34 -15.70 15.91
CA THR D 56 -18.54 -16.59 15.94
C THR D 56 -18.86 -17.11 14.55
N GLY D 57 -19.72 -18.13 14.50
CA GLY D 57 -20.17 -18.75 13.26
C GLY D 57 -20.15 -20.25 13.40
N LYS D 58 -20.92 -20.93 12.55
CA LYS D 58 -21.08 -22.39 12.64
C LYS D 58 -19.79 -23.16 12.30
N ASP D 59 -18.93 -22.52 11.51
CA ASP D 59 -17.64 -23.07 11.08
C ASP D 59 -16.72 -23.55 12.23
N ILE D 60 -17.00 -23.05 13.44
CA ILE D 60 -16.17 -23.32 14.64
C ILE D 60 -16.15 -24.80 14.99
N MET D 61 -14.95 -25.37 14.92
CA MET D 61 -14.70 -26.79 15.26
C MET D 61 -14.65 -26.90 16.78
N LEU D 62 -15.55 -27.71 17.37
CA LEU D 62 -15.77 -27.70 18.84
C LEU D 62 -14.64 -28.09 19.83
N GLY D 63 -13.75 -29.01 19.44
CA GLY D 63 -12.61 -29.41 20.29
C GLY D 63 -11.23 -28.82 19.98
N LYS D 64 -11.12 -28.04 18.90
CA LYS D 64 -9.83 -27.62 18.33
C LYS D 64 -9.10 -26.52 19.14
N THR D 65 -7.80 -26.71 19.35
CA THR D 65 -6.93 -25.62 19.80
C THR D 65 -6.42 -24.85 18.56
N TYR D 66 -6.88 -23.62 18.41
CA TYR D 66 -6.57 -22.81 17.23
C TYR D 66 -5.20 -22.20 17.37
N THR D 67 -4.54 -21.93 16.25
CA THR D 67 -3.23 -21.28 16.32
C THR D 67 -3.45 -19.78 16.29
N LYS D 68 -2.41 -19.05 16.73
CA LYS D 68 -2.36 -17.59 16.68
C LYS D 68 -2.48 -17.08 15.25
N ALA D 69 -1.96 -17.88 14.31
CA ALA D 69 -2.04 -17.62 12.87
C ALA D 69 -3.48 -17.76 12.35
N GLU D 70 -4.09 -18.91 12.63
CA GLU D 70 -5.48 -19.20 12.30
C GLU D 70 -6.43 -18.12 12.83
N CYS D 71 -6.22 -17.69 14.08
CA CYS D 71 -7.00 -16.57 14.66
C CYS D 71 -6.86 -15.27 13.91
N LYS D 72 -5.66 -15.02 13.39
CA LYS D 72 -5.43 -13.85 12.59
C LYS D 72 -6.21 -13.92 11.26
N ALA D 73 -6.19 -15.09 10.64
CA ALA D 73 -6.93 -15.36 9.40
C ALA D 73 -8.44 -15.07 9.60
N LEU D 74 -8.97 -15.67 10.68
CA LEU D 74 -10.38 -15.57 11.02
C LEU D 74 -10.76 -14.13 11.26
N LEU D 75 -9.90 -13.42 11.99
CA LEU D 75 -10.17 -12.04 12.25
C LEU D 75 -10.15 -11.26 10.94
N ASN D 76 -9.20 -11.57 10.06
CA ASN D 76 -9.08 -10.88 8.76
C ASN D 76 -10.31 -11.12 7.89
N LYS D 77 -10.68 -12.39 7.72
CA LYS D 77 -11.86 -12.80 6.99
C LYS D 77 -13.17 -12.12 7.49
N ASP D 78 -13.43 -12.22 8.79
CA ASP D 78 -14.60 -11.62 9.43
C ASP D 78 -14.64 -10.14 9.24
N LEU D 79 -13.47 -9.53 9.18
CA LEU D 79 -13.41 -8.09 9.02
C LEU D 79 -13.62 -7.68 7.56
N ALA D 80 -13.19 -8.55 6.65
CA ALA D 80 -13.46 -8.39 5.25
C ALA D 80 -14.96 -8.56 5.00
N THR D 81 -15.58 -9.51 5.70
CA THR D 81 -17.01 -9.68 5.70
C THR D 81 -17.78 -8.46 6.26
N VAL D 82 -17.26 -7.81 7.29
CA VAL D 82 -17.93 -6.65 7.86
C VAL D 82 -17.97 -5.55 6.81
N ALA D 83 -16.79 -5.25 6.27
CA ALA D 83 -16.57 -4.25 5.24
C ALA D 83 -17.52 -4.43 4.05
N ARG D 84 -17.62 -5.67 3.55
CA ARG D 84 -18.55 -6.03 2.47
C ARG D 84 -19.99 -5.66 2.82
N GLN D 85 -20.41 -5.97 4.05
CA GLN D 85 -21.77 -5.75 4.48
C GLN D 85 -22.08 -4.33 4.87
N ILE D 86 -21.08 -3.58 5.30
CA ILE D 86 -21.38 -2.24 5.78
C ILE D 86 -20.86 -1.10 4.88
N ASN D 87 -19.72 -1.27 4.25
CA ASN D 87 -19.24 -0.21 3.36
C ASN D 87 -20.24 0.35 2.34
N PRO D 88 -21.03 -0.50 1.65
CA PRO D 88 -21.99 0.05 0.67
C PRO D 88 -23.14 0.86 1.30
N TYR D 89 -23.29 0.78 2.63
CA TYR D 89 -24.24 1.63 3.33
C TYR D 89 -23.61 2.99 3.69
N ILE D 90 -22.30 3.08 3.58
CA ILE D 90 -21.63 4.36 3.80
C ILE D 90 -21.52 5.13 2.49
N LYS D 91 -22.13 6.31 2.43
CA LYS D 91 -22.34 7.01 1.16
C LYS D 91 -21.41 8.22 1.01
N VAL D 92 -20.65 8.50 2.06
CA VAL D 92 -19.68 9.59 2.07
C VAL D 92 -18.26 9.06 2.30
N ASP D 93 -17.27 9.93 2.15
CA ASP D 93 -15.89 9.58 2.43
C ASP D 93 -15.66 9.67 3.90
N ILE D 94 -14.97 8.66 4.44
CA ILE D 94 -14.59 8.70 5.85
C ILE D 94 -13.11 8.41 6.06
N PRO D 95 -12.47 9.05 7.06
CA PRO D 95 -11.08 8.73 7.48
C PRO D 95 -10.95 7.25 7.75
N GLU D 96 -9.74 6.73 7.54
CA GLU D 96 -9.43 5.33 7.85
C GLU D 96 -9.69 4.93 9.31
N THR D 97 -9.57 5.92 10.19
CA THR D 97 -9.74 5.78 11.63
C THR D 97 -11.20 5.58 11.98
N THR D 98 -12.06 6.44 11.41
CA THR D 98 -13.49 6.32 11.58
C THR D 98 -14.00 4.99 11.03
N ARG D 99 -13.59 4.64 9.81
CA ARG D 99 -13.95 3.32 9.25
C ARG D 99 -13.54 2.13 10.10
N GLY D 100 -12.27 2.09 10.52
CA GLY D 100 -11.76 1.06 11.43
C GLY D 100 -12.55 0.94 12.75
N ALA D 101 -12.84 2.09 13.36
CA ALA D 101 -13.71 2.18 14.54
C ALA D 101 -15.10 1.53 14.28
N LEU D 102 -15.85 2.04 13.31
CA LEU D 102 -17.05 1.36 12.82
C LEU D 102 -16.90 -0.16 12.59
N TYR D 103 -15.87 -0.58 11.84
CA TYR D 103 -15.62 -2.01 11.65
C TYR D 103 -15.66 -2.75 12.98
N SER D 104 -14.97 -2.19 14.00
CA SER D 104 -14.84 -2.84 15.32
C SER D 104 -16.18 -2.92 16.02
N PHE D 105 -16.96 -1.88 15.78
CA PHE D 105 -18.20 -1.70 16.42
C PHE D 105 -19.09 -2.79 15.86
N VAL D 106 -19.15 -2.86 14.53
CA VAL D 106 -20.02 -3.77 13.84
C VAL D 106 -19.54 -5.22 14.01
N TYR D 107 -18.24 -5.44 14.09
CA TYR D 107 -17.73 -6.77 14.44
C TYR D 107 -18.46 -7.29 15.66
N ASN D 108 -18.75 -6.37 16.56
CA ASN D 108 -19.39 -6.69 17.81
C ASN D 108 -20.93 -6.78 17.71
N VAL D 109 -21.58 -5.77 17.14
CA VAL D 109 -23.04 -5.67 17.21
C VAL D 109 -23.77 -6.26 15.98
N GLY D 110 -23.06 -6.43 14.85
CA GLY D 110 -23.63 -7.07 13.68
C GLY D 110 -24.09 -6.02 12.69
N ALA D 111 -24.05 -6.38 11.40
CA ALA D 111 -24.44 -5.47 10.31
C ALA D 111 -25.90 -5.03 10.39
N GLY D 112 -26.81 -5.99 10.65
CA GLY D 112 -28.22 -5.69 10.95
C GLY D 112 -28.34 -4.46 11.85
N ASN D 113 -27.83 -4.57 13.07
CA ASN D 113 -27.94 -3.46 14.00
C ASN D 113 -27.41 -2.14 13.48
N PHE D 114 -26.32 -2.20 12.71
CA PHE D 114 -25.66 -1.04 12.05
C PHE D 114 -26.49 -0.41 10.93
N ARG D 115 -27.06 -1.27 10.10
CA ARG D 115 -27.85 -0.79 8.98
C ARG D 115 -29.06 0.05 9.42
N THR D 116 -29.65 -0.24 10.59
CA THR D 116 -30.80 0.54 11.08
C THR D 116 -30.44 1.64 12.09
N SER D 117 -29.16 1.75 12.38
CA SER D 117 -28.67 2.54 13.48
C SER D 117 -28.81 4.03 13.21
N THR D 118 -29.10 4.81 14.25
CA THR D 118 -29.08 6.26 14.10
C THR D 118 -27.69 6.68 13.65
N LEU D 119 -26.65 6.03 14.21
CA LEU D 119 -25.25 6.29 13.84
C LEU D 119 -25.10 6.49 12.31
N LEU D 120 -25.45 5.44 11.57
CA LEU D 120 -25.32 5.43 10.13
C LEU D 120 -26.04 6.61 9.47
N ARG D 121 -27.26 6.90 9.88
CA ARG D 121 -27.95 8.05 9.31
C ARG D 121 -27.13 9.33 9.46
N LYS D 122 -26.42 9.48 10.59
CA LYS D 122 -25.61 10.68 10.87
C LYS D 122 -24.36 10.75 9.99
N ILE D 123 -23.74 9.60 9.75
CA ILE D 123 -22.58 9.49 8.87
C ILE D 123 -22.99 9.98 7.51
N ASN D 124 -24.12 9.49 7.02
CA ASN D 124 -24.51 9.74 5.65
C ASN D 124 -24.97 11.15 5.41
N GLN D 125 -25.13 11.89 6.51
CA GLN D 125 -25.39 13.33 6.47
C GLN D 125 -24.09 14.11 6.65
N GLY D 126 -22.98 13.40 6.74
CA GLY D 126 -21.68 14.04 6.89
C GLY D 126 -21.35 14.52 8.29
N ASP D 127 -22.29 14.38 9.23
CA ASP D 127 -22.00 14.66 10.64
C ASP D 127 -21.28 13.47 11.32
N ILE D 128 -19.96 13.46 11.17
CA ILE D 128 -19.13 12.41 11.75
C ILE D 128 -19.01 12.51 13.27
N LYS D 129 -18.73 13.72 13.75
CA LYS D 129 -18.77 14.02 15.17
C LYS D 129 -20.00 13.37 15.82
N GLY D 130 -21.20 13.87 15.49
CA GLY D 130 -22.48 13.29 15.99
C GLY D 130 -22.60 11.78 15.82
N ALA D 131 -22.15 11.26 14.68
CA ALA D 131 -22.17 9.81 14.44
C ALA D 131 -21.28 9.08 15.43
N CYS D 132 -20.07 9.60 15.68
CA CYS D 132 -19.14 9.02 16.68
C CYS D 132 -19.72 9.05 18.08
N ASP D 133 -20.41 10.15 18.43
CA ASP D 133 -21.17 10.22 19.69
C ASP D 133 -22.19 9.09 19.90
N GLN D 134 -22.79 8.61 18.80
CA GLN D 134 -23.85 7.59 18.86
C GLN D 134 -23.41 6.31 19.50
N LEU D 135 -22.12 6.04 19.45
CA LEU D 135 -21.59 4.78 19.98
C LEU D 135 -21.90 4.61 21.49
N ARG D 136 -22.06 5.73 22.17
CA ARG D 136 -22.41 5.71 23.59
C ARG D 136 -23.82 5.18 23.88
N ARG D 137 -24.61 4.95 22.84
CA ARG D 137 -25.94 4.38 22.98
C ARG D 137 -25.89 2.87 22.86
N TRP D 138 -24.70 2.32 22.69
CA TRP D 138 -24.57 0.92 22.48
C TRP D 138 -23.77 0.22 23.56
N THR D 139 -23.84 0.74 24.76
CA THR D 139 -23.17 0.07 25.88
C THR D 139 -23.96 -1.19 26.32
N TYR D 140 -25.29 -1.10 26.26
CA TYR D 140 -26.25 -2.19 26.61
C TYR D 140 -26.88 -2.13 28.05
N ALA D 141 -26.55 -3.06 28.93
CA ALA D 141 -27.34 -3.23 30.17
C ALA D 141 -27.08 -2.23 31.32
N GLY D 142 -27.95 -2.34 32.35
CA GLY D 142 -27.85 -1.59 33.63
C GLY D 142 -26.74 -2.16 34.53
N GLY D 143 -26.95 -3.41 34.99
CA GLY D 143 -25.91 -4.16 35.70
C GLY D 143 -25.27 -5.21 34.80
N LYS D 144 -24.00 -5.53 35.09
CA LYS D 144 -23.21 -6.63 34.45
C LYS D 144 -22.82 -6.45 32.95
N GLN D 145 -23.20 -5.32 32.36
CA GLN D 145 -22.84 -5.04 30.98
C GLN D 145 -22.55 -3.53 30.85
N TRP D 146 -22.30 -2.90 32.01
CA TRP D 146 -22.32 -1.44 32.12
C TRP D 146 -20.92 -0.87 31.80
N LYS D 147 -19.94 -1.22 32.66
CA LYS D 147 -18.54 -0.69 32.65
C LYS D 147 -17.65 -1.35 31.58
N GLY D 148 -17.81 -2.67 31.41
CA GLY D 148 -17.19 -3.36 30.29
C GLY D 148 -17.48 -2.64 28.98
N LEU D 149 -18.76 -2.59 28.61
CA LEU D 149 -19.17 -2.09 27.28
C LEU D 149 -19.10 -0.59 27.08
N MET D 150 -19.23 0.16 28.16
CA MET D 150 -18.90 1.60 28.16
C MET D 150 -17.44 1.88 27.77
N THR D 151 -16.54 1.07 28.31
CA THR D 151 -15.12 1.20 28.01
C THR D 151 -14.92 0.99 26.52
N ARG D 152 -15.25 -0.22 26.04
CA ARG D 152 -15.10 -0.56 24.64
C ARG D 152 -15.56 0.55 23.70
N ARG D 153 -16.74 1.10 23.96
CA ARG D 153 -17.30 2.13 23.11
C ARG D 153 -16.57 3.45 23.20
N GLU D 154 -16.03 3.80 24.37
CA GLU D 154 -15.30 5.09 24.52
C GLU D 154 -14.12 5.08 23.61
N ILE D 155 -13.45 3.93 23.61
CA ILE D 155 -12.23 3.66 22.87
C ILE D 155 -12.56 3.84 21.37
N GLU D 156 -13.66 3.19 20.95
CA GLU D 156 -14.11 3.18 19.58
C GLU D 156 -14.51 4.59 19.19
N ARG D 157 -15.16 5.29 20.11
CA ARG D 157 -15.52 6.69 19.87
C ARG D 157 -14.27 7.55 19.70
N GLU D 158 -13.21 7.20 20.41
CA GLU D 158 -11.99 8.00 20.40
C GLU D 158 -11.26 7.78 19.10
N VAL D 159 -11.18 6.51 18.68
CA VAL D 159 -10.56 6.16 17.43
C VAL D 159 -11.40 6.75 16.30
N CYS D 160 -12.70 6.60 16.40
CA CYS D 160 -13.64 7.23 15.51
C CYS D 160 -13.28 8.70 15.28
N LEU D 161 -12.81 9.35 16.35
CA LEU D 161 -12.56 10.80 16.39
C LEU D 161 -11.08 11.25 16.28
N TRP D 162 -10.33 10.67 15.34
CA TRP D 162 -8.94 11.12 15.13
C TRP D 162 -8.81 12.42 14.31
N GLY D 163 -9.52 12.52 13.18
CA GLY D 163 -9.35 13.65 12.23
C GLY D 163 -9.91 15.03 12.57
N GLN D 164 -10.47 15.18 13.79
CA GLN D 164 -11.06 16.45 14.29
C GLN D 164 -10.40 16.87 15.62
N GLN D 165 -10.11 15.85 16.46
CA GLN D 165 -9.35 15.99 17.73
C GLN D 165 -8.92 14.57 18.13
#